data_3DSI
#
_entry.id   3DSI
#
_cell.length_a   63.407
_cell.length_b   104.851
_cell.length_c   162.417
_cell.angle_alpha   90.00
_cell.angle_beta   90.00
_cell.angle_gamma   90.00
#
_symmetry.space_group_name_H-M   'P 21 21 21'
#
loop_
_entity.id
_entity.type
_entity.pdbx_description
1 polymer 'Cytochrome P450 74A, chloroplast'
2 non-polymer 'PROTOPORPHYRIN IX CONTAINING FE'
3 non-polymer '(9Z,11E,13S,15Z)-13-hydroxyoctadeca-9,11,15-trienoic acid'
4 non-polymer N-OCTANE
5 non-polymer GLYCEROL
6 water water
#
_entity_poly.entity_id   1
_entity_poly.type   'polypeptide(L)'
_entity_poly.pdbx_seq_one_letter_code
;MAKKTSSGSETPDLTVATRTGSKDLPIRNIPGNYGLPIVGPIKDRWDYFYDQGAEEFFKSRIRKYNSTVYRVNMPPGAFI
AENPQVVALLDGKSFPVLFDVDKVEKKDLFTGTYMPSTELTGGYRILSYLDPSEPKHEKLKNLLFFLLKSSRNRIFPEFQ
ATYSELFDSLEKELSLKGKADFGGSSDGTAFNFLARAFYGTNPADTKLKADAPGLITKWVLFNLHPLLSIGLPRVIEEPL
IHTFSLPPALVKSDYQRLYEFFLESAGEILVEADKLGISREEATHNLLFATCFNTWGGMKILFPNMVKRIGRAGHQVHNR
LAEEIRSVIKSNGGELTMGAIEKMELTKSVVYECLRFEPPVTAQYGRAKKDLVIESHDAAFKVKAGEMLYGYQPLATRDP
KIFDRADEFVPERFVGEEGEKLLRHVLWSNGPETETPTVGNKQCAGKDFVVLVARLFVIEIFRRYDSFDIEVGTSPLGSS
VNFSSLRKASFHHHH
;
_entity_poly.pdbx_strand_id   A,B
#
# COMPACT_ATOMS: atom_id res chain seq x y z
N ASP A 24 46.34 3.69 16.16
CA ASP A 24 45.30 4.77 16.27
C ASP A 24 44.74 5.10 14.90
N LEU A 25 43.56 5.72 14.88
CA LEU A 25 42.89 5.99 13.62
C LEU A 25 43.59 7.12 12.85
N PRO A 26 43.69 6.98 11.52
CA PRO A 26 44.22 8.06 10.70
C PRO A 26 43.25 9.25 10.71
N ILE A 27 43.80 10.46 10.68
CA ILE A 27 43.01 11.67 10.51
C ILE A 27 42.75 11.81 9.01
N ARG A 28 41.47 11.91 8.64
CA ARG A 28 41.05 12.11 7.27
C ARG A 28 40.44 13.50 7.12
N ASN A 29 40.63 14.11 5.96
CA ASN A 29 39.88 15.31 5.61
C ASN A 29 38.41 14.92 5.45
N ILE A 30 37.51 15.77 5.97
CA ILE A 30 36.08 15.52 5.84
C ILE A 30 35.69 15.74 4.36
N PRO A 31 35.23 14.68 3.68
CA PRO A 31 34.88 14.83 2.27
C PRO A 31 33.54 15.53 2.09
N GLY A 32 33.20 15.78 0.83
CA GLY A 32 31.93 16.41 0.49
C GLY A 32 32.09 17.91 0.27
N ASN A 33 31.10 18.50 -0.35
CA ASN A 33 31.10 19.94 -0.50
C ASN A 33 29.68 20.45 -0.61
N TYR A 34 29.56 21.77 -0.56
CA TYR A 34 28.27 22.41 -0.48
C TYR A 34 27.76 22.97 -1.82
N GLY A 35 28.50 22.73 -2.89
CA GLY A 35 28.11 23.23 -4.22
C GLY A 35 28.19 24.74 -4.33
N LEU A 36 27.56 25.32 -5.35
CA LEU A 36 27.54 26.77 -5.52
C LEU A 36 26.54 27.41 -4.57
N PRO A 37 26.74 28.70 -4.20
CA PRO A 37 25.73 29.39 -3.42
C PRO A 37 24.37 29.31 -4.12
N ILE A 38 23.31 29.26 -3.33
CA ILE A 38 21.93 29.16 -3.83
C ILE A 38 21.58 27.80 -4.47
N VAL A 39 22.19 27.48 -5.61
CA VAL A 39 21.80 26.32 -6.40
C VAL A 39 22.28 24.98 -5.84
N GLY A 40 23.43 24.98 -5.17
CA GLY A 40 23.95 23.78 -4.50
C GLY A 40 22.94 23.26 -3.47
N PRO A 41 22.62 24.09 -2.46
CA PRO A 41 21.58 23.69 -1.52
C PRO A 41 20.22 23.33 -2.14
N ILE A 42 19.77 24.05 -3.17
CA ILE A 42 18.49 23.70 -3.80
C ILE A 42 18.54 22.30 -4.44
N LYS A 43 19.61 21.99 -5.16
CA LYS A 43 19.74 20.68 -5.77
C LYS A 43 19.78 19.59 -4.71
N ASP A 44 20.50 19.84 -3.62
CA ASP A 44 20.54 18.88 -2.51
C ASP A 44 19.15 18.68 -1.88
N ARG A 45 18.37 19.75 -1.78
CA ARG A 45 17.01 19.68 -1.26
C ARG A 45 16.08 18.88 -2.17
N TRP A 46 16.21 19.07 -3.48
CA TRP A 46 15.46 18.26 -4.43
C TRP A 46 15.81 16.78 -4.32
N ASP A 47 17.10 16.47 -4.14
CA ASP A 47 17.49 15.06 -3.95
C ASP A 47 16.86 14.52 -2.69
N TYR A 48 16.97 15.28 -1.60
CA TYR A 48 16.46 14.85 -0.31
C TYR A 48 14.96 14.57 -0.35
N PHE A 49 14.18 15.50 -0.91
CA PHE A 49 12.72 15.33 -0.89
C PHE A 49 12.15 14.51 -2.03
N TYR A 50 12.72 14.66 -3.22
CA TYR A 50 12.01 14.20 -4.42
C TYR A 50 12.73 13.12 -5.20
N ASP A 51 14.01 13.32 -5.48
CA ASP A 51 14.69 12.49 -6.47
C ASP A 51 15.43 11.30 -5.87
N GLN A 52 15.70 11.38 -4.57
CA GLN A 52 16.32 10.26 -3.86
C GLN A 52 15.59 9.84 -2.60
N GLY A 53 15.08 10.80 -1.82
CA GLY A 53 14.52 10.49 -0.51
C GLY A 53 15.65 10.47 0.50
N ALA A 54 15.34 10.68 1.78
CA ALA A 54 16.39 10.88 2.78
C ALA A 54 17.41 9.72 2.85
N GLU A 55 16.91 8.49 2.91
CA GLU A 55 17.84 7.36 3.08
C GLU A 55 18.86 7.27 1.95
N GLU A 56 18.39 7.31 0.71
CA GLU A 56 19.27 7.19 -0.44
C GLU A 56 20.09 8.45 -0.63
N PHE A 57 19.54 9.60 -0.21
CA PHE A 57 20.30 10.86 -0.21
C PHE A 57 21.60 10.65 0.57
N PHE A 58 21.48 10.10 1.77
CA PHE A 58 22.65 9.86 2.61
C PHE A 58 23.51 8.69 2.15
N LYS A 59 22.88 7.58 1.77
CA LYS A 59 23.65 6.40 1.38
C LYS A 59 24.44 6.62 0.08
N SER A 60 23.84 7.32 -0.89
CA SER A 60 24.53 7.53 -2.16
C SER A 60 25.80 8.35 -1.95
N ARG A 61 25.75 9.27 -0.98
CA ARG A 61 26.92 10.10 -0.67
C ARG A 61 27.93 9.34 0.20
N ILE A 62 27.47 8.43 1.06
CA ILE A 62 28.41 7.53 1.75
C ILE A 62 29.24 6.77 0.71
N ARG A 63 28.56 6.25 -0.31
CA ARG A 63 29.24 5.52 -1.38
C ARG A 63 30.18 6.44 -2.18
N LYS A 64 29.69 7.59 -2.63
CA LYS A 64 30.52 8.50 -3.45
C LYS A 64 31.79 8.91 -2.69
N TYR A 65 31.61 9.29 -1.44
CA TYR A 65 32.73 9.83 -0.65
C TYR A 65 33.51 8.75 0.07
N ASN A 66 33.00 7.51 0.04
CA ASN A 66 33.59 6.40 0.79
C ASN A 66 33.81 6.77 2.26
N SER A 67 32.75 7.33 2.88
CA SER A 67 32.87 7.85 4.22
C SER A 67 31.51 7.95 4.86
N THR A 68 31.43 7.62 6.15
CA THR A 68 30.19 7.82 6.90
C THR A 68 30.18 9.17 7.64
N VAL A 69 31.19 10.01 7.37
CA VAL A 69 31.25 11.38 7.86
C VAL A 69 31.54 12.28 6.66
N TYR A 70 30.68 13.25 6.40
CA TYR A 70 30.92 14.13 5.26
C TYR A 70 30.13 15.42 5.36
N ARG A 71 30.53 16.40 4.54
CA ARG A 71 29.84 17.70 4.47
C ARG A 71 28.68 17.59 3.49
N VAL A 72 27.54 18.16 3.88
CA VAL A 72 26.37 18.16 3.02
C VAL A 72 25.46 19.31 3.41
N ASN A 73 24.68 19.82 2.44
CA ASN A 73 23.60 20.78 2.73
C ASN A 73 22.36 20.04 3.22
N MET A 74 21.71 20.59 4.25
CA MET A 74 20.41 20.05 4.71
C MET A 74 19.27 21.03 4.47
N PRO A 75 18.05 20.50 4.25
CA PRO A 75 16.91 21.40 4.18
C PRO A 75 16.70 22.07 5.54
N PRO A 76 16.02 23.21 5.57
CA PRO A 76 15.33 23.87 4.47
C PRO A 76 16.11 24.89 3.65
N GLY A 77 17.24 25.39 4.15
CA GLY A 77 17.96 26.47 3.46
C GLY A 77 17.01 27.61 3.11
N ALA A 78 17.11 28.09 1.87
CA ALA A 78 16.18 29.09 1.27
C ALA A 78 16.06 30.26 2.19
N PHE A 79 14.84 30.75 2.40
CA PHE A 79 14.69 31.87 3.32
C PHE A 79 14.24 31.44 4.71
N ILE A 80 14.37 30.16 5.04
CA ILE A 80 13.93 29.69 6.36
C ILE A 80 15.14 29.49 7.29
N ALA A 81 16.18 28.85 6.76
CA ALA A 81 17.42 28.61 7.53
C ALA A 81 18.52 29.52 7.03
N GLU A 82 19.26 30.12 7.97
CA GLU A 82 20.38 30.97 7.62
C GLU A 82 21.50 30.18 6.93
N ASN A 83 21.78 28.98 7.42
CA ASN A 83 22.94 28.23 6.96
C ASN A 83 22.64 26.75 6.90
N PRO A 84 22.58 26.18 5.68
CA PRO A 84 22.24 24.76 5.54
C PRO A 84 23.43 23.82 5.71
N GLN A 85 24.61 24.37 5.95
CA GLN A 85 25.83 23.56 5.91
C GLN A 85 26.07 22.77 7.17
N VAL A 86 26.16 21.45 7.04
CA VAL A 86 26.44 20.60 8.19
C VAL A 86 27.58 19.63 7.92
N VAL A 87 28.08 19.03 9.00
CA VAL A 87 28.88 17.81 8.92
C VAL A 87 27.99 16.67 9.39
N ALA A 88 27.76 15.71 8.51
CA ALA A 88 26.86 14.60 8.79
C ALA A 88 27.61 13.42 9.39
N LEU A 89 27.01 12.82 10.42
CA LEU A 89 27.57 11.66 11.13
C LEU A 89 26.61 10.51 10.88
N LEU A 90 27.10 9.47 10.18
CA LEU A 90 26.22 8.46 9.62
C LEU A 90 26.65 7.05 9.98
N ASP A 91 27.21 6.92 11.18
CA ASP A 91 27.55 5.60 11.70
C ASP A 91 27.39 5.63 13.21
N GLY A 92 27.30 4.46 13.83
CA GLY A 92 27.00 4.43 15.27
C GLY A 92 28.18 4.68 16.21
N LYS A 93 29.38 4.84 15.67
CA LYS A 93 30.55 5.24 16.46
C LYS A 93 30.67 6.76 16.57
N SER A 94 30.48 7.46 15.46
CA SER A 94 30.60 8.91 15.42
C SER A 94 29.35 9.60 15.99
N PHE A 95 28.18 9.05 15.69
CA PHE A 95 26.90 9.65 16.07
C PHE A 95 26.80 10.09 17.54
N PRO A 96 27.23 9.23 18.50
CA PRO A 96 27.04 9.62 19.91
C PRO A 96 27.69 10.92 20.40
N VAL A 97 28.55 11.53 19.61
N VAL A 97 28.55 11.54 19.61
CA VAL A 97 29.06 12.87 19.94
CA VAL A 97 29.06 12.87 19.98
C VAL A 97 27.87 13.80 20.18
C VAL A 97 27.89 13.86 20.13
N LEU A 98 26.79 13.58 19.43
CA LEU A 98 25.59 14.43 19.49
C LEU A 98 24.88 14.43 20.86
N PHE A 99 25.22 13.44 21.69
CA PHE A 99 24.68 13.36 23.06
C PHE A 99 25.53 14.10 24.07
N ASP A 100 26.79 14.39 23.74
CA ASP A 100 27.73 14.89 24.71
C ASP A 100 27.64 16.40 24.84
N VAL A 101 26.99 16.83 25.92
CA VAL A 101 26.65 18.23 26.14
C VAL A 101 27.90 19.08 26.49
N ASP A 102 29.02 18.40 26.77
CA ASP A 102 30.32 19.09 26.90
C ASP A 102 30.98 19.33 25.53
N LYS A 103 30.49 18.63 24.50
CA LYS A 103 31.05 18.79 23.15
C LYS A 103 30.14 19.59 22.23
N VAL A 104 28.83 19.42 22.39
CA VAL A 104 27.89 20.14 21.53
C VAL A 104 26.93 21.02 22.32
N GLU A 105 26.64 22.19 21.76
CA GLU A 105 25.59 23.05 22.27
C GLU A 105 24.27 22.56 21.66
N LYS A 106 23.20 22.57 22.46
CA LYS A 106 21.89 22.12 22.02
C LYS A 106 20.84 23.23 22.19
N LYS A 107 21.18 24.40 21.66
CA LYS A 107 20.34 25.60 21.79
C LYS A 107 19.68 25.93 20.46
N ASP A 108 18.34 25.99 20.45
CA ASP A 108 17.56 26.44 19.31
C ASP A 108 17.75 25.57 18.05
N LEU A 109 18.07 24.30 18.25
CA LEU A 109 18.33 23.40 17.11
C LEU A 109 17.52 22.10 17.15
N PHE A 110 16.49 22.07 17.99
CA PHE A 110 15.53 20.97 18.04
C PHE A 110 15.04 20.56 16.64
N THR A 111 14.76 21.54 15.78
CA THR A 111 14.28 21.24 14.43
C THR A 111 15.35 21.39 13.36
N GLY A 112 16.59 21.63 13.80
CA GLY A 112 17.72 21.69 12.88
C GLY A 112 18.28 23.09 12.70
N THR A 113 18.52 23.45 11.44
CA THR A 113 19.21 24.70 11.07
C THR A 113 18.27 25.90 11.00
N TYR A 114 17.01 25.69 11.34
CA TYR A 114 16.05 26.80 11.54
C TYR A 114 15.33 26.53 12.85
N MET A 115 14.71 27.55 13.42
CA MET A 115 13.82 27.36 14.55
C MET A 115 12.47 28.00 14.26
N PRO A 116 11.37 27.27 14.51
CA PRO A 116 10.06 27.89 14.31
C PRO A 116 9.89 29.14 15.16
N SER A 117 9.15 30.12 14.64
CA SER A 117 8.90 31.35 15.39
C SER A 117 8.39 31.09 16.80
N THR A 118 8.86 31.87 17.76
CA THR A 118 8.30 31.76 19.11
C THR A 118 6.86 32.27 19.17
N GLU A 119 6.41 32.91 18.09
CA GLU A 119 5.00 33.29 17.96
C GLU A 119 4.09 32.05 17.95
N LEU A 120 4.66 30.89 17.60
CA LEU A 120 3.93 29.63 17.58
C LEU A 120 3.81 29.00 18.96
N THR A 121 4.56 29.55 19.91
CA THR A 121 4.65 28.95 21.24
C THR A 121 4.51 30.01 22.33
N GLY A 122 3.56 30.93 22.15
CA GLY A 122 3.22 31.93 23.17
C GLY A 122 4.28 32.97 23.48
N GLY A 123 5.28 33.08 22.60
CA GLY A 123 6.38 34.00 22.81
C GLY A 123 7.54 33.41 23.59
N TYR A 124 7.41 32.15 23.98
CA TYR A 124 8.44 31.47 24.76
C TYR A 124 9.33 30.59 23.90
N ARG A 125 10.61 30.50 24.30
CA ARG A 125 11.48 29.42 23.83
C ARG A 125 11.21 28.23 24.74
N ILE A 126 10.53 27.23 24.17
CA ILE A 126 10.07 26.04 24.88
C ILE A 126 11.24 25.12 25.25
N LEU A 127 11.03 24.28 26.26
CA LEU A 127 12.06 23.39 26.80
C LEU A 127 12.92 22.69 25.75
N SER A 128 12.27 22.14 24.73
CA SER A 128 12.98 21.39 23.70
C SER A 128 14.10 22.17 23.00
N TYR A 129 13.99 23.51 23.01
CA TYR A 129 14.99 24.37 22.36
C TYR A 129 16.08 24.89 23.30
N LEU A 130 15.96 24.54 24.58
CA LEU A 130 16.87 25.10 25.60
C LEU A 130 18.09 24.24 25.79
N ASP A 131 19.26 24.88 25.86
CA ASP A 131 20.50 24.17 26.19
C ASP A 131 20.53 23.91 27.71
N PRO A 132 21.11 22.77 28.15
CA PRO A 132 21.13 22.51 29.59
C PRO A 132 21.83 23.59 30.45
N SER A 133 22.66 24.44 29.83
CA SER A 133 23.27 25.57 30.53
C SER A 133 22.25 26.64 30.95
N GLU A 134 21.05 26.57 30.39
CA GLU A 134 19.98 27.54 30.71
C GLU A 134 19.21 27.05 31.93
N PRO A 135 19.12 27.88 32.99
CA PRO A 135 18.45 27.46 34.23
C PRO A 135 17.03 26.92 34.07
N LYS A 136 16.26 27.46 33.13
CA LYS A 136 14.90 26.99 32.91
C LYS A 136 14.85 25.59 32.32
N HIS A 137 15.93 25.15 31.69
CA HIS A 137 15.98 23.75 31.21
C HIS A 137 15.77 22.77 32.36
N GLU A 138 16.48 22.99 33.46
CA GLU A 138 16.37 22.12 34.63
C GLU A 138 14.95 22.19 35.22
N LYS A 139 14.41 23.40 35.36
CA LYS A 139 13.08 23.57 35.95
C LYS A 139 12.00 22.91 35.10
N LEU A 140 12.05 23.16 33.79
CA LEU A 140 11.02 22.65 32.91
C LEU A 140 11.10 21.14 32.74
N LYS A 141 12.31 20.59 32.70
CA LYS A 141 12.44 19.15 32.56
C LYS A 141 11.96 18.45 33.83
N ASN A 142 12.30 19.01 34.99
CA ASN A 142 11.77 18.51 36.25
C ASN A 142 10.24 18.53 36.26
N LEU A 143 9.63 19.58 35.69
CA LEU A 143 8.17 19.62 35.60
C LEU A 143 7.61 18.44 34.81
N LEU A 144 8.24 18.12 33.69
CA LEU A 144 7.77 17.00 32.90
C LEU A 144 8.01 15.68 33.60
N PHE A 145 9.14 15.54 34.30
CA PHE A 145 9.38 14.31 35.06
C PHE A 145 8.26 14.12 36.08
N PHE A 146 7.82 15.22 36.71
CA PHE A 146 6.72 15.17 37.66
C PHE A 146 5.39 14.77 37.00
N LEU A 147 5.11 15.38 35.84
CA LEU A 147 3.92 15.06 35.06
C LEU A 147 3.87 13.56 34.84
N LEU A 148 4.99 13.01 34.42
CA LEU A 148 5.06 11.58 34.09
C LEU A 148 4.91 10.70 35.33
N LYS A 149 5.64 11.02 36.39
CA LYS A 149 5.55 10.25 37.63
C LYS A 149 4.14 10.33 38.24
N SER A 150 3.55 11.51 38.21
CA SER A 150 2.25 11.70 38.84
C SER A 150 1.11 10.98 38.10
N SER A 151 1.35 10.65 36.82
N SER A 151 1.35 10.64 36.83
CA SER A 151 0.37 9.96 35.98
CA SER A 151 0.34 9.97 36.02
C SER A 151 0.43 8.44 36.13
C SER A 151 0.48 8.45 36.06
N ARG A 152 1.44 7.96 36.84
CA ARG A 152 1.79 6.52 36.83
C ARG A 152 0.63 5.55 37.11
N ASN A 153 -0.32 5.94 37.96
CA ASN A 153 -1.43 5.06 38.30
C ASN A 153 -2.65 5.18 37.39
N ARG A 154 -2.57 6.11 36.43
CA ARG A 154 -3.64 6.32 35.46
C ARG A 154 -3.29 5.71 34.11
N ILE A 155 -2.01 5.52 33.83
CA ILE A 155 -1.58 5.10 32.50
C ILE A 155 -2.21 3.79 32.05
N PHE A 156 -2.13 2.76 32.88
CA PHE A 156 -2.61 1.44 32.45
C PHE A 156 -4.12 1.44 32.21
N PRO A 157 -4.92 1.89 33.20
CA PRO A 157 -6.36 1.85 32.93
C PRO A 157 -6.84 2.78 31.82
N GLU A 158 -6.24 3.97 31.69
CA GLU A 158 -6.68 4.87 30.63
C GLU A 158 -6.22 4.41 29.25
N PHE A 159 -5.04 3.80 29.18
CA PHE A 159 -4.59 3.22 27.91
C PHE A 159 -5.53 2.11 27.49
N GLN A 160 -5.83 1.20 28.41
N GLN A 160 -5.81 1.18 28.40
CA GLN A 160 -6.68 0.05 28.12
CA GLN A 160 -6.71 0.06 28.10
C GLN A 160 -8.11 0.45 27.70
C GLN A 160 -8.04 0.58 27.58
N ALA A 161 -8.66 1.49 28.32
CA ALA A 161 -10.00 1.98 28.01
C ALA A 161 -10.06 2.68 26.65
N THR A 162 -9.10 3.56 26.39
CA THR A 162 -9.13 4.36 25.17
C THR A 162 -8.75 3.50 23.94
N TYR A 163 -7.71 2.69 24.08
CA TYR A 163 -7.31 1.82 22.96
C TYR A 163 -8.28 0.69 22.69
N SER A 164 -9.01 0.25 23.71
CA SER A 164 -10.11 -0.71 23.48
C SER A 164 -11.16 -0.10 22.56
N GLU A 165 -11.51 1.17 22.80
N GLU A 165 -11.51 1.17 22.80
CA GLU A 165 -12.45 1.90 21.94
CA GLU A 165 -12.44 1.90 21.96
C GLU A 165 -11.92 2.05 20.51
C GLU A 165 -11.91 1.98 20.52
N LEU A 166 -10.62 2.25 20.37
CA LEU A 166 -10.01 2.35 19.05
C LEU A 166 -10.17 1.06 18.27
N PHE A 167 -9.81 -0.06 18.89
CA PHE A 167 -9.95 -1.33 18.19
C PHE A 167 -11.38 -1.71 17.89
N ASP A 168 -12.30 -1.34 18.78
CA ASP A 168 -13.73 -1.46 18.47
C ASP A 168 -14.07 -0.70 17.19
N SER A 169 -13.58 0.54 17.07
N SER A 169 -13.57 0.53 17.09
CA SER A 169 -13.88 1.36 15.90
CA SER A 169 -13.82 1.39 15.93
C SER A 169 -13.23 0.80 14.62
C SER A 169 -13.21 0.85 14.64
N LEU A 170 -12.04 0.21 14.77
CA LEU A 170 -11.35 -0.38 13.64
C LEU A 170 -12.07 -1.61 13.13
N GLU A 171 -12.56 -2.44 14.04
CA GLU A 171 -13.36 -3.59 13.66
C GLU A 171 -14.61 -3.12 12.93
N LYS A 172 -15.24 -2.07 13.45
CA LYS A 172 -16.44 -1.51 12.84
C LYS A 172 -16.17 -1.06 11.41
N GLU A 173 -15.10 -0.29 11.23
CA GLU A 173 -14.72 0.22 9.92
C GLU A 173 -14.34 -0.88 8.94
N LEU A 174 -13.59 -1.88 9.43
CA LEU A 174 -13.24 -3.05 8.60
C LEU A 174 -14.49 -3.77 8.12
N SER A 175 -15.50 -3.90 8.99
CA SER A 175 -16.73 -4.58 8.58
C SER A 175 -17.47 -3.82 7.48
N LEU A 176 -17.39 -2.49 7.51
CA LEU A 176 -18.06 -1.64 6.53
C LEU A 176 -17.32 -1.56 5.20
N LYS A 177 -16.01 -1.34 5.27
CA LYS A 177 -15.21 -0.97 4.10
C LYS A 177 -14.24 -2.06 3.61
N GLY A 178 -14.00 -3.08 4.42
CA GLY A 178 -13.02 -4.11 4.06
C GLY A 178 -11.61 -3.67 4.37
N LYS A 179 -11.48 -2.46 4.91
CA LYS A 179 -10.20 -1.93 5.42
C LYS A 179 -10.48 -0.87 6.47
N ALA A 180 -9.55 -0.70 7.41
CA ALA A 180 -9.73 0.27 8.47
C ALA A 180 -8.49 1.12 8.60
N ASP A 181 -8.65 2.42 8.35
CA ASP A 181 -7.57 3.40 8.42
C ASP A 181 -7.14 3.59 9.85
N PHE A 182 -5.89 3.23 10.15
CA PHE A 182 -5.41 3.31 11.52
C PHE A 182 -5.22 4.75 11.99
N GLY A 183 -4.51 5.54 11.20
CA GLY A 183 -4.08 6.88 11.63
C GLY A 183 -5.19 7.85 11.95
N GLY A 184 -6.25 7.82 11.15
CA GLY A 184 -7.34 8.78 11.27
C GLY A 184 -8.31 8.53 12.39
N SER A 185 -8.13 7.41 13.10
CA SER A 185 -8.84 7.14 14.34
C SER A 185 -7.85 7.16 15.51
N SER A 186 -6.63 6.67 15.26
CA SER A 186 -5.66 6.52 16.34
C SER A 186 -5.13 7.86 16.85
N ASP A 187 -5.19 8.90 16.03
CA ASP A 187 -4.78 10.24 16.49
C ASP A 187 -5.72 10.80 17.57
N GLY A 188 -7.02 10.57 17.40
CA GLY A 188 -7.97 10.96 18.44
C GLY A 188 -7.75 10.14 19.71
N THR A 189 -7.53 8.84 19.54
CA THR A 189 -7.32 7.92 20.66
C THR A 189 -6.12 8.38 21.46
N ALA A 190 -5.04 8.74 20.78
CA ALA A 190 -3.81 9.17 21.46
C ALA A 190 -4.06 10.43 22.29
N PHE A 191 -4.73 11.42 21.69
CA PHE A 191 -4.99 12.62 22.47
C PHE A 191 -5.90 12.38 23.66
N ASN A 192 -6.98 11.61 23.45
CA ASN A 192 -7.88 11.29 24.55
C ASN A 192 -7.14 10.57 25.66
N PHE A 193 -6.31 9.60 25.28
CA PHE A 193 -5.50 8.86 26.26
C PHE A 193 -4.59 9.80 27.04
N LEU A 194 -3.86 10.68 26.35
CA LEU A 194 -2.96 11.61 27.04
C LEU A 194 -3.70 12.55 27.97
N ALA A 195 -4.84 13.10 27.52
CA ALA A 195 -5.64 14.00 28.35
C ALA A 195 -6.12 13.31 29.63
N ARG A 196 -6.56 12.06 29.48
CA ARG A 196 -7.08 11.30 30.63
C ARG A 196 -5.96 10.84 31.56
N ALA A 197 -4.86 10.34 30.99
CA ALA A 197 -3.74 9.87 31.80
C ALA A 197 -2.98 11.00 32.49
N PHE A 198 -2.69 12.09 31.76
CA PHE A 198 -1.87 13.16 32.33
C PHE A 198 -2.68 14.09 33.22
N TYR A 199 -3.91 14.39 32.79
CA TYR A 199 -4.69 15.47 33.41
C TYR A 199 -6.03 15.03 33.98
N GLY A 200 -6.31 13.72 33.94
CA GLY A 200 -7.60 13.19 34.42
C GLY A 200 -8.82 13.83 33.77
N THR A 201 -8.65 14.23 32.51
CA THR A 201 -9.64 15.01 31.77
C THR A 201 -10.00 14.32 30.45
N ASN A 202 -11.29 14.08 30.25
CA ASN A 202 -11.78 13.56 28.97
C ASN A 202 -12.11 14.76 28.08
N PRO A 203 -11.41 14.91 26.93
CA PRO A 203 -11.65 16.06 26.04
C PRO A 203 -13.11 16.23 25.60
N ALA A 204 -13.86 15.12 25.57
CA ALA A 204 -15.27 15.13 25.19
C ALA A 204 -16.06 16.02 26.14
N ASP A 205 -15.60 16.11 27.39
CA ASP A 205 -16.26 16.89 28.44
C ASP A 205 -15.84 18.36 28.41
N THR A 206 -15.05 18.76 27.42
CA THR A 206 -14.51 20.11 27.32
C THR A 206 -14.86 20.77 25.99
N LYS A 207 -14.48 22.03 25.84
CA LYS A 207 -14.72 22.78 24.60
C LYS A 207 -13.91 22.26 23.43
N LEU A 208 -12.85 21.48 23.70
CA LEU A 208 -12.10 20.83 22.61
C LEU A 208 -12.90 19.75 21.90
N LYS A 209 -13.85 19.14 22.60
CA LYS A 209 -14.67 18.05 22.05
C LYS A 209 -13.77 17.00 21.38
N ALA A 210 -13.93 16.79 20.07
CA ALA A 210 -13.07 15.86 19.34
C ALA A 210 -12.12 16.58 18.36
N ASP A 211 -11.98 17.90 18.54
CA ASP A 211 -11.23 18.77 17.62
C ASP A 211 -9.71 18.74 17.77
N ALA A 212 -9.19 18.22 18.88
CA ALA A 212 -7.75 18.38 19.15
C ALA A 212 -6.81 17.88 18.04
N PRO A 213 -7.03 16.66 17.50
CA PRO A 213 -6.12 16.22 16.43
C PRO A 213 -6.00 17.18 15.27
N GLY A 214 -7.11 17.74 14.81
CA GLY A 214 -7.05 18.67 13.69
C GLY A 214 -6.30 19.94 14.06
N LEU A 215 -6.54 20.43 15.26
CA LEU A 215 -5.87 21.64 15.75
C LEU A 215 -4.37 21.42 15.86
N ILE A 216 -3.98 20.31 16.48
CA ILE A 216 -2.57 20.02 16.67
C ILE A 216 -1.88 19.77 15.33
N THR A 217 -2.55 19.03 14.44
CA THR A 217 -1.97 18.73 13.11
C THR A 217 -1.62 20.03 12.37
N LYS A 218 -2.55 20.97 12.35
CA LYS A 218 -2.32 22.25 11.66
C LYS A 218 -1.15 22.98 12.30
N TRP A 219 -1.16 23.07 13.63
CA TRP A 219 -0.10 23.76 14.35
C TRP A 219 1.27 23.08 14.14
N VAL A 220 1.30 21.75 14.20
CA VAL A 220 2.56 21.02 13.95
C VAL A 220 3.06 21.32 12.52
N LEU A 221 2.14 21.33 11.56
CA LEU A 221 2.51 21.68 10.17
C LEU A 221 3.15 23.07 10.09
N PHE A 222 2.60 24.04 10.83
CA PHE A 222 3.18 25.38 10.82
C PHE A 222 4.59 25.39 11.40
N ASN A 223 4.88 24.45 12.29
CA ASN A 223 6.22 24.30 12.87
C ASN A 223 7.19 23.57 11.95
N LEU A 224 6.72 22.47 11.35
CA LEU A 224 7.60 21.50 10.67
C LEU A 224 7.56 21.47 9.16
N HIS A 225 6.70 22.27 8.54
CA HIS A 225 6.60 22.22 7.06
C HIS A 225 7.92 22.32 6.28
N PRO A 226 8.94 23.07 6.78
CA PRO A 226 10.21 23.15 6.02
C PRO A 226 10.92 21.81 5.89
N LEU A 227 10.55 20.86 6.73
CA LEU A 227 11.24 19.57 6.83
C LEU A 227 10.50 18.43 6.16
N LEU A 228 9.29 18.71 5.66
CA LEU A 228 8.38 17.65 5.21
C LEU A 228 7.96 17.82 3.76
N SER A 229 7.57 16.72 3.14
CA SER A 229 6.84 16.77 1.88
C SER A 229 5.43 16.25 2.16
N ILE A 230 4.44 16.88 1.54
N ILE A 230 4.43 16.90 1.57
CA ILE A 230 3.02 16.53 1.73
CA ILE A 230 3.03 16.51 1.73
C ILE A 230 2.54 15.57 0.63
C ILE A 230 2.48 15.94 0.43
N GLY A 231 3.38 15.37 -0.38
CA GLY A 231 3.01 14.60 -1.58
C GLY A 231 2.85 15.40 -2.86
N LEU A 232 2.56 16.70 -2.72
CA LEU A 232 2.34 17.59 -3.87
C LEU A 232 3.57 17.64 -4.80
N PRO A 233 3.36 17.96 -6.10
CA PRO A 233 4.48 18.18 -7.02
C PRO A 233 5.43 19.28 -6.53
N ARG A 234 6.72 19.16 -6.85
CA ARG A 234 7.71 20.12 -6.34
C ARG A 234 7.45 21.57 -6.79
N VAL A 235 6.84 21.75 -7.96
CA VAL A 235 6.52 23.09 -8.43
C VAL A 235 5.52 23.80 -7.52
N ILE A 236 4.68 23.03 -6.83
CA ILE A 236 3.76 23.57 -5.83
C ILE A 236 4.42 23.65 -4.44
N GLU A 237 4.95 22.51 -3.98
CA GLU A 237 5.55 22.43 -2.66
C GLU A 237 6.71 23.38 -2.41
N GLU A 238 7.62 23.48 -3.37
CA GLU A 238 8.84 24.24 -3.15
C GLU A 238 8.52 25.70 -2.78
N PRO A 239 7.72 26.43 -3.61
CA PRO A 239 7.40 27.80 -3.20
C PRO A 239 6.45 27.93 -2.00
N LEU A 240 5.59 26.94 -1.80
CA LEU A 240 4.55 27.01 -0.77
C LEU A 240 5.03 26.64 0.62
N ILE A 241 5.83 25.57 0.74
CA ILE A 241 6.29 25.13 2.06
C ILE A 241 7.80 25.02 2.25
N HIS A 242 8.59 25.19 1.20
CA HIS A 242 10.04 25.01 1.33
C HIS A 242 10.89 26.26 1.16
N THR A 243 10.25 27.41 0.96
CA THR A 243 10.99 28.63 0.68
C THR A 243 10.87 29.68 1.78
N PHE A 244 9.66 29.85 2.30
CA PHE A 244 9.38 30.79 3.38
C PHE A 244 8.58 30.12 4.49
N SER A 245 8.62 30.69 5.69
CA SER A 245 7.82 30.19 6.80
C SER A 245 6.34 30.51 6.61
N LEU A 246 5.48 29.55 6.89
CA LEU A 246 4.04 29.84 6.97
C LEU A 246 3.78 30.85 8.13
N PRO A 247 2.87 31.80 7.93
CA PRO A 247 2.66 32.85 8.94
C PRO A 247 2.02 32.34 10.23
N PRO A 248 2.70 32.48 11.39
CA PRO A 248 2.11 32.01 12.63
C PRO A 248 0.73 32.57 12.95
N ALA A 249 0.43 33.78 12.46
CA ALA A 249 -0.87 34.39 12.73
C ALA A 249 -2.05 33.49 12.35
N LEU A 250 -1.86 32.65 11.31
CA LEU A 250 -2.94 31.83 10.80
C LEU A 250 -3.32 30.64 11.67
N VAL A 251 -2.49 30.34 12.67
CA VAL A 251 -2.79 29.23 13.56
C VAL A 251 -2.95 29.70 15.02
N LYS A 252 -2.95 31.01 15.23
CA LYS A 252 -3.01 31.56 16.59
C LYS A 252 -4.32 31.20 17.31
N SER A 253 -5.45 31.30 16.62
N SER A 253 -5.45 31.31 16.60
CA SER A 253 -6.74 30.98 17.24
CA SER A 253 -6.75 30.98 17.18
C SER A 253 -6.88 29.50 17.57
C SER A 253 -6.85 29.51 17.57
N ASP A 254 -6.35 28.63 16.70
CA ASP A 254 -6.33 27.20 16.97
C ASP A 254 -5.47 26.90 18.19
N TYR A 255 -4.30 27.54 18.25
CA TYR A 255 -3.39 27.35 19.38
C TYR A 255 -4.05 27.79 20.67
N GLN A 256 -4.79 28.90 20.59
CA GLN A 256 -5.47 29.43 21.77
C GLN A 256 -6.50 28.47 22.34
N ARG A 257 -7.16 27.72 21.47
CA ARG A 257 -8.10 26.69 21.93
C ARG A 257 -7.37 25.62 22.73
N LEU A 258 -6.21 25.20 22.23
CA LEU A 258 -5.38 24.25 22.96
C LEU A 258 -4.89 24.85 24.28
N TYR A 259 -4.40 26.09 24.23
CA TYR A 259 -3.89 26.75 25.44
C TYR A 259 -4.94 26.77 26.55
N GLU A 260 -6.17 27.17 26.22
N GLU A 260 -6.16 27.20 26.20
CA GLU A 260 -7.22 27.24 27.24
CA GLU A 260 -7.28 27.24 27.15
C GLU A 260 -7.57 25.87 27.82
C GLU A 260 -7.46 25.87 27.81
N PHE A 261 -7.50 24.83 26.98
CA PHE A 261 -7.69 23.45 27.45
C PHE A 261 -6.63 23.09 28.50
N PHE A 262 -5.37 23.38 28.21
CA PHE A 262 -4.29 23.05 29.15
C PHE A 262 -4.32 23.88 30.42
N LEU A 263 -4.59 25.17 30.28
CA LEU A 263 -4.71 26.04 31.44
C LEU A 263 -5.77 25.53 32.42
N GLU A 264 -6.90 25.07 31.87
CA GLU A 264 -8.06 24.67 32.67
C GLU A 264 -7.97 23.24 33.18
N SER A 265 -7.22 22.39 32.46
CA SER A 265 -7.15 20.96 32.79
C SER A 265 -5.92 20.55 33.62
N ALA A 266 -4.88 21.37 33.62
CA ALA A 266 -3.60 20.94 34.22
C ALA A 266 -3.35 21.46 35.64
N GLY A 267 -4.43 21.71 36.37
CA GLY A 267 -4.35 22.32 37.71
C GLY A 267 -3.35 21.68 38.66
N GLU A 268 -3.42 20.36 38.79
CA GLU A 268 -2.55 19.63 39.69
C GLU A 268 -1.08 19.79 39.29
N ILE A 269 -0.80 19.69 37.99
CA ILE A 269 0.56 19.84 37.48
C ILE A 269 1.07 21.29 37.66
N LEU A 270 0.15 22.24 37.51
CA LEU A 270 0.50 23.66 37.65
C LEU A 270 0.87 24.03 39.09
N VAL A 271 0.33 23.29 40.04
CA VAL A 271 0.75 23.43 41.43
C VAL A 271 2.24 23.08 41.58
N GLU A 272 2.66 21.99 40.93
CA GLU A 272 4.07 21.65 40.97
C GLU A 272 4.90 22.67 40.22
N ALA A 273 4.41 23.15 39.09
CA ALA A 273 5.12 24.20 38.35
C ALA A 273 5.40 25.38 39.27
N ASP A 274 4.41 25.76 40.06
CA ASP A 274 4.55 26.88 40.99
C ASP A 274 5.67 26.61 41.99
N LYS A 275 5.71 25.38 42.53
CA LYS A 275 6.72 24.99 43.51
C LYS A 275 8.13 24.96 42.91
N LEU A 276 8.22 24.58 41.65
CA LEU A 276 9.49 24.59 40.91
C LEU A 276 9.93 25.99 40.49
N GLY A 277 9.09 26.99 40.74
CA GLY A 277 9.42 28.35 40.35
C GLY A 277 9.28 28.62 38.86
N ILE A 278 8.21 28.10 38.27
CA ILE A 278 7.89 28.37 36.86
C ILE A 278 6.57 29.14 36.83
N SER A 279 6.49 30.19 36.01
CA SER A 279 5.25 30.95 35.89
C SER A 279 4.14 30.06 35.32
N ARG A 280 2.90 30.37 35.70
CA ARG A 280 1.74 29.60 35.26
C ARG A 280 1.66 29.61 33.73
N GLU A 281 1.91 30.77 33.13
CA GLU A 281 1.85 30.93 31.67
C GLU A 281 2.93 30.11 30.97
N GLU A 282 4.18 30.25 31.43
CA GLU A 282 5.29 29.50 30.85
C GLU A 282 5.07 27.99 31.01
N ALA A 283 4.60 27.59 32.18
CA ALA A 283 4.31 26.18 32.46
C ALA A 283 3.26 25.67 31.49
N THR A 284 2.20 26.45 31.29
CA THR A 284 1.09 26.01 30.43
C THR A 284 1.54 25.82 28.97
N HIS A 285 2.30 26.78 28.43
CA HIS A 285 2.82 26.64 27.06
C HIS A 285 3.72 25.42 26.94
N ASN A 286 4.50 25.16 27.99
CA ASN A 286 5.38 24.00 27.99
C ASN A 286 4.65 22.67 28.11
N LEU A 287 3.59 22.64 28.90
CA LEU A 287 2.74 21.44 29.01
C LEU A 287 2.02 21.17 27.68
N LEU A 288 1.52 22.24 27.07
CA LEU A 288 0.90 22.14 25.76
C LEU A 288 1.89 21.51 24.78
N PHE A 289 3.10 22.05 24.74
CA PHE A 289 4.09 21.56 23.77
C PHE A 289 4.48 20.12 24.05
N ALA A 290 4.73 19.80 25.32
CA ALA A 290 5.16 18.44 25.67
C ALA A 290 4.08 17.44 25.35
N THR A 291 2.83 17.82 25.59
CA THR A 291 1.70 16.90 25.36
C THR A 291 1.38 16.77 23.87
N CYS A 292 1.27 17.91 23.19
CA CYS A 292 0.77 17.91 21.80
C CYS A 292 1.86 17.67 20.78
N PHE A 293 3.04 18.26 21.01
CA PHE A 293 4.12 18.12 20.06
C PHE A 293 4.97 16.90 20.40
N ASN A 294 5.65 16.93 21.55
CA ASN A 294 6.56 15.82 21.87
C ASN A 294 5.83 14.49 21.96
N THR A 295 4.77 14.45 22.76
CA THR A 295 4.15 13.14 23.05
C THR A 295 3.20 12.71 21.91
N TRP A 296 2.18 13.51 21.66
CA TRP A 296 1.18 13.14 20.65
C TRP A 296 1.82 13.05 19.26
N GLY A 297 2.68 14.02 18.94
CA GLY A 297 3.40 14.01 17.66
C GLY A 297 4.31 12.80 17.52
N GLY A 298 5.06 12.49 18.57
CA GLY A 298 5.93 11.32 18.53
C GLY A 298 5.12 10.03 18.37
N MET A 299 4.00 9.93 19.07
CA MET A 299 3.13 8.75 18.97
C MET A 299 2.51 8.65 17.58
N LYS A 300 2.24 9.81 16.97
CA LYS A 300 1.67 9.85 15.62
C LYS A 300 2.60 9.17 14.62
N ILE A 301 3.90 9.32 14.84
CA ILE A 301 4.89 8.66 13.99
C ILE A 301 5.07 7.21 14.42
N LEU A 302 5.30 7.02 15.72
CA LEU A 302 5.69 5.70 16.22
C LEU A 302 4.63 4.61 16.03
N PHE A 303 3.40 4.89 16.42
CA PHE A 303 2.41 3.80 16.46
C PHE A 303 2.10 3.21 15.08
N PRO A 304 1.81 4.05 14.06
CA PRO A 304 1.64 3.47 12.71
C PRO A 304 2.90 2.74 12.21
N ASN A 305 4.09 3.26 12.54
CA ASN A 305 5.32 2.57 12.11
C ASN A 305 5.42 1.19 12.75
N MET A 306 5.01 1.10 14.01
CA MET A 306 5.02 -0.18 14.73
C MET A 306 4.07 -1.17 14.09
N VAL A 307 2.85 -0.71 13.77
CA VAL A 307 1.88 -1.58 13.10
C VAL A 307 2.46 -2.06 11.77
N LYS A 308 3.13 -1.16 11.05
CA LYS A 308 3.76 -1.52 9.77
C LYS A 308 4.82 -2.61 9.91
N ARG A 309 5.76 -2.42 10.83
CA ARG A 309 6.87 -3.36 10.98
C ARG A 309 6.43 -4.68 11.60
N ILE A 310 5.55 -4.60 12.60
CA ILE A 310 5.03 -5.82 13.20
C ILE A 310 4.15 -6.58 12.20
N GLY A 311 3.34 -5.86 11.43
CA GLY A 311 2.54 -6.49 10.35
C GLY A 311 3.39 -7.27 9.37
N ARG A 312 4.48 -6.66 8.93
CA ARG A 312 5.40 -7.26 7.96
C ARG A 312 6.14 -8.45 8.52
N ALA A 313 6.27 -8.49 9.85
CA ALA A 313 6.96 -9.58 10.52
C ALA A 313 6.24 -10.91 10.36
N GLY A 314 4.94 -10.87 10.07
CA GLY A 314 4.21 -12.07 9.66
C GLY A 314 3.45 -12.77 10.76
N HIS A 315 2.56 -13.67 10.37
CA HIS A 315 1.61 -14.26 11.31
C HIS A 315 2.23 -15.17 12.35
N GLN A 316 3.35 -15.81 12.01
CA GLN A 316 4.03 -16.67 12.99
C GLN A 316 4.52 -15.84 14.16
N VAL A 317 5.12 -14.68 13.86
CA VAL A 317 5.53 -13.73 14.90
C VAL A 317 4.32 -13.23 15.69
N HIS A 318 3.23 -12.93 15.00
CA HIS A 318 1.99 -12.49 15.67
C HIS A 318 1.53 -13.52 16.67
N ASN A 319 1.46 -14.77 16.21
CA ASN A 319 1.04 -15.88 17.06
C ASN A 319 1.94 -16.02 18.28
N ARG A 320 3.26 -15.87 18.09
CA ARG A 320 4.22 -15.96 19.21
C ARG A 320 4.01 -14.84 20.22
N LEU A 321 3.79 -13.62 19.73
CA LEU A 321 3.49 -12.50 20.63
C LEU A 321 2.19 -12.74 21.39
N ALA A 322 1.14 -13.16 20.69
CA ALA A 322 -0.14 -13.47 21.32
C ALA A 322 0.02 -14.53 22.42
N GLU A 323 0.74 -15.60 22.11
N GLU A 323 0.73 -15.60 22.12
CA GLU A 323 0.99 -16.68 23.07
CA GLU A 323 0.95 -16.67 23.11
C GLU A 323 1.72 -16.20 24.33
C GLU A 323 1.68 -16.14 24.35
N GLU A 324 2.75 -15.38 24.13
CA GLU A 324 3.53 -14.84 25.25
C GLU A 324 2.67 -13.91 26.10
N ILE A 325 2.02 -12.96 25.43
CA ILE A 325 1.30 -11.93 26.14
C ILE A 325 0.14 -12.53 26.95
N ARG A 326 -0.63 -13.39 26.32
CA ARG A 326 -1.78 -13.98 26.98
C ARG A 326 -1.36 -14.91 28.11
N SER A 327 -0.31 -15.70 27.87
N SER A 327 -0.29 -15.68 27.89
CA SER A 327 0.22 -16.61 28.90
CA SER A 327 0.18 -16.63 28.91
C SER A 327 0.69 -15.82 30.12
C SER A 327 0.81 -15.91 30.11
N VAL A 328 1.50 -14.80 29.87
CA VAL A 328 2.02 -13.96 30.97
C VAL A 328 0.89 -13.30 31.78
N ILE A 329 -0.11 -12.74 31.10
CA ILE A 329 -1.21 -12.09 31.82
C ILE A 329 -2.00 -13.12 32.64
N LYS A 330 -2.15 -14.32 32.10
CA LYS A 330 -2.82 -15.41 32.81
C LYS A 330 -2.02 -15.79 34.06
N SER A 331 -0.70 -15.82 33.92
CA SER A 331 0.18 -16.13 35.05
C SER A 331 0.08 -15.06 36.12
N ASN A 332 -0.33 -13.86 35.70
CA ASN A 332 -0.47 -12.70 36.59
C ASN A 332 -1.90 -12.49 37.10
N GLY A 333 -2.71 -13.54 37.05
CA GLY A 333 -4.09 -13.48 37.56
C GLY A 333 -4.97 -12.54 36.76
N GLY A 334 -4.63 -12.34 35.50
CA GLY A 334 -5.40 -11.44 34.62
C GLY A 334 -5.11 -9.96 34.80
N GLU A 335 -4.16 -9.63 35.70
N GLU A 335 -4.20 -9.64 35.73
CA GLU A 335 -3.84 -8.24 36.04
CA GLU A 335 -3.82 -8.27 36.02
C GLU A 335 -2.58 -7.77 35.32
C GLU A 335 -2.61 -7.90 35.18
N LEU A 336 -2.73 -6.84 34.39
CA LEU A 336 -1.58 -6.33 33.64
C LEU A 336 -0.85 -5.30 34.49
N THR A 337 0.43 -5.56 34.79
CA THR A 337 1.24 -4.72 35.68
C THR A 337 2.63 -4.53 35.07
N MET A 338 3.40 -3.59 35.60
CA MET A 338 4.78 -3.38 35.17
C MET A 338 5.58 -4.67 35.28
N GLY A 339 5.41 -5.39 36.38
CA GLY A 339 6.16 -6.64 36.57
C GLY A 339 5.80 -7.69 35.54
N ALA A 340 4.50 -7.79 35.20
CA ALA A 340 4.07 -8.74 34.16
C ALA A 340 4.76 -8.40 32.85
N ILE A 341 4.83 -7.12 32.52
CA ILE A 341 5.46 -6.70 31.25
C ILE A 341 6.93 -7.16 31.17
N GLU A 342 7.61 -7.15 32.31
CA GLU A 342 9.01 -7.60 32.35
C GLU A 342 9.18 -9.07 31.95
N LYS A 343 8.11 -9.87 32.10
CA LYS A 343 8.13 -11.27 31.70
C LYS A 343 7.91 -11.47 30.19
N MET A 344 7.44 -10.41 29.52
CA MET A 344 7.09 -10.54 28.11
C MET A 344 8.33 -10.23 27.27
N GLU A 345 9.26 -11.17 27.24
CA GLU A 345 10.55 -10.95 26.58
C GLU A 345 10.46 -10.61 25.11
N LEU A 346 9.65 -11.35 24.36
CA LEU A 346 9.55 -11.09 22.92
C LEU A 346 8.90 -9.73 22.69
N THR A 347 7.87 -9.41 23.49
CA THR A 347 7.20 -8.11 23.39
C THR A 347 8.17 -6.95 23.62
N LYS A 348 8.96 -7.02 24.70
CA LYS A 348 9.95 -5.98 24.96
C LYS A 348 10.91 -5.84 23.79
N SER A 349 11.34 -6.97 23.26
CA SER A 349 12.35 -6.98 22.22
C SER A 349 11.80 -6.40 20.92
N VAL A 350 10.56 -6.77 20.59
CA VAL A 350 9.89 -6.26 19.38
C VAL A 350 9.76 -4.73 19.41
N VAL A 351 9.41 -4.18 20.58
CA VAL A 351 9.31 -2.73 20.73
C VAL A 351 10.67 -2.07 20.50
N TYR A 352 11.71 -2.63 21.11
CA TYR A 352 13.04 -2.07 20.93
C TYR A 352 13.47 -2.18 19.47
N GLU A 353 13.09 -3.28 18.81
CA GLU A 353 13.47 -3.46 17.41
C GLU A 353 12.73 -2.49 16.49
N CYS A 354 11.50 -2.13 16.84
CA CYS A 354 10.83 -1.05 16.07
C CYS A 354 11.61 0.25 16.19
N LEU A 355 12.07 0.54 17.41
CA LEU A 355 12.79 1.79 17.67
C LEU A 355 14.19 1.81 17.05
N ARG A 356 14.85 0.65 16.99
CA ARG A 356 16.15 0.54 16.33
C ARG A 356 16.01 0.62 14.82
N PHE A 357 15.08 -0.16 14.28
CA PHE A 357 14.98 -0.30 12.84
C PHE A 357 14.53 1.02 12.21
N GLU A 358 13.62 1.72 12.89
CA GLU A 358 12.98 2.89 12.30
C GLU A 358 12.82 3.94 13.38
N PRO A 359 13.93 4.62 13.74
CA PRO A 359 13.86 5.68 14.73
C PRO A 359 12.72 6.65 14.32
N PRO A 360 11.79 6.94 15.23
CA PRO A 360 10.67 7.81 14.84
C PRO A 360 11.10 9.21 14.41
N VAL A 361 12.16 9.73 15.05
CA VAL A 361 12.71 11.02 14.65
C VAL A 361 14.13 10.79 14.17
N THR A 362 14.35 11.05 12.88
CA THR A 362 15.64 10.70 12.28
C THR A 362 16.74 11.74 12.46
N ALA A 363 16.39 12.99 12.76
CA ALA A 363 17.35 14.09 12.65
C ALA A 363 17.73 14.66 14.01
N GLN A 364 18.99 14.47 14.41
CA GLN A 364 19.51 15.11 15.62
C GLN A 364 20.66 16.02 15.23
N TYR A 365 20.69 17.20 15.82
CA TYR A 365 21.72 18.20 15.55
C TYR A 365 22.45 18.61 16.82
N GLY A 366 23.68 19.10 16.64
CA GLY A 366 24.44 19.66 17.77
C GLY A 366 25.51 20.58 17.20
N ARG A 367 25.71 21.74 17.83
CA ARG A 367 26.75 22.67 17.35
C ARG A 367 28.02 22.52 18.17
N ALA A 368 29.14 22.24 17.52
CA ALA A 368 30.39 22.03 18.25
C ALA A 368 30.72 23.26 19.11
N LYS A 369 30.95 23.03 20.40
CA LYS A 369 31.26 24.09 21.37
C LYS A 369 32.73 24.47 21.37
N LYS A 370 33.54 23.58 20.81
CA LYS A 370 34.99 23.68 20.86
C LYS A 370 35.48 22.80 19.72
N ASP A 371 36.75 22.89 19.38
CA ASP A 371 37.32 21.99 18.38
C ASP A 371 37.21 20.53 18.87
N LEU A 372 36.76 19.64 17.99
CA LEU A 372 36.55 18.23 18.35
C LEU A 372 37.31 17.30 17.42
N VAL A 373 37.68 16.13 17.93
CA VAL A 373 38.13 15.03 17.07
C VAL A 373 37.06 13.94 17.16
N ILE A 374 36.41 13.66 16.03
CA ILE A 374 35.29 12.73 15.99
C ILE A 374 35.77 11.43 15.37
N GLU A 375 35.67 10.36 16.14
CA GLU A 375 36.11 9.05 15.66
C GLU A 375 34.97 8.33 14.96
N SER A 376 35.22 7.83 13.76
N SER A 376 35.26 7.80 13.78
CA SER A 376 34.31 6.89 13.12
CA SER A 376 34.38 6.91 13.07
C SER A 376 34.97 5.51 13.14
C SER A 376 35.00 5.52 13.13
N HIS A 377 34.52 4.59 12.31
CA HIS A 377 35.03 3.21 12.34
C HIS A 377 36.45 3.08 11.84
N ASP A 378 36.80 3.83 10.79
CA ASP A 378 38.08 3.64 10.08
C ASP A 378 38.97 4.88 9.99
N ALA A 379 38.44 6.02 10.43
CA ALA A 379 39.18 7.27 10.45
C ALA A 379 38.63 8.19 11.53
N ALA A 380 39.42 9.20 11.87
CA ALA A 380 38.96 10.28 12.73
C ALA A 380 38.96 11.59 11.96
N PHE A 381 38.09 12.51 12.35
CA PHE A 381 37.88 13.77 11.64
C PHE A 381 37.91 14.94 12.63
N LYS A 382 38.50 16.04 12.21
CA LYS A 382 38.56 17.21 13.07
C LYS A 382 37.53 18.23 12.65
N VAL A 383 36.75 18.71 13.62
CA VAL A 383 35.77 19.77 13.35
C VAL A 383 36.09 20.96 14.23
N LYS A 384 35.80 22.15 13.69
CA LYS A 384 36.07 23.38 14.41
C LYS A 384 34.87 23.81 15.23
N ALA A 385 35.14 24.48 16.35
CA ALA A 385 34.12 25.13 17.15
C ALA A 385 33.18 25.88 16.22
N GLY A 386 31.87 25.71 16.44
CA GLY A 386 30.88 26.45 15.66
C GLY A 386 30.28 25.65 14.52
N GLU A 387 30.94 24.57 14.11
CA GLU A 387 30.40 23.74 13.03
C GLU A 387 29.13 23.03 13.49
N MET A 388 28.12 22.98 12.61
CA MET A 388 26.89 22.27 12.92
C MET A 388 27.06 20.81 12.57
N LEU A 389 26.90 19.95 13.57
CA LEU A 389 26.90 18.50 13.40
C LEU A 389 25.47 18.00 13.26
N TYR A 390 25.31 17.00 12.41
CA TYR A 390 24.00 16.43 12.14
C TYR A 390 24.13 14.91 12.08
N GLY A 391 23.17 14.19 12.64
CA GLY A 391 23.15 12.73 12.48
C GLY A 391 21.83 12.27 11.92
N TYR A 392 21.90 11.35 10.96
CA TYR A 392 20.72 10.67 10.45
C TYR A 392 20.66 9.34 11.19
N GLN A 393 19.80 9.32 12.20
CA GLN A 393 19.82 8.23 13.15
C GLN A 393 19.71 6.82 12.57
N PRO A 394 18.83 6.60 11.57
CA PRO A 394 18.73 5.21 11.06
C PRO A 394 20.06 4.62 10.60
N LEU A 395 20.99 5.46 10.16
CA LEU A 395 22.27 4.92 9.70
C LEU A 395 23.19 4.58 10.87
N ALA A 396 22.92 5.17 12.04
CA ALA A 396 23.62 4.77 13.26
C ALA A 396 23.05 3.48 13.85
N THR A 397 21.72 3.35 13.78
CA THR A 397 21.04 2.21 14.43
C THR A 397 20.91 0.99 13.51
N ARG A 398 21.09 1.19 12.21
CA ARG A 398 21.26 0.07 11.28
C ARG A 398 22.70 -0.07 10.77
N ASP A 399 23.65 0.40 11.58
CA ASP A 399 25.08 0.32 11.23
C ASP A 399 25.52 -1.14 11.30
N PRO A 400 25.96 -1.73 10.14
CA PRO A 400 26.31 -3.14 10.14
C PRO A 400 27.62 -3.45 10.85
N LYS A 401 28.35 -2.42 11.24
CA LYS A 401 29.55 -2.61 12.05
C LYS A 401 29.23 -2.63 13.55
N ILE A 402 27.95 -2.46 13.87
CA ILE A 402 27.46 -2.51 15.25
C ILE A 402 26.44 -3.63 15.43
N PHE A 403 25.49 -3.72 14.50
CA PHE A 403 24.46 -4.76 14.54
C PHE A 403 24.64 -5.80 13.46
N ASP A 404 24.53 -7.08 13.83
CA ASP A 404 24.37 -8.10 12.80
C ASP A 404 22.98 -7.96 12.18
N ARG A 405 22.81 -8.55 10.99
N ARG A 405 22.81 -8.55 11.00
CA ARG A 405 21.54 -8.51 10.26
CA ARG A 405 21.52 -8.51 10.28
C ARG A 405 20.94 -7.11 10.35
C ARG A 405 20.93 -7.10 10.36
N ALA A 406 21.78 -6.11 10.09
CA ALA A 406 21.45 -4.72 10.43
C ALA A 406 20.21 -4.18 9.72
N ASP A 407 19.99 -4.64 8.50
CA ASP A 407 18.85 -4.16 7.68
C ASP A 407 17.63 -5.08 7.73
N GLU A 408 17.64 -6.00 8.68
CA GLU A 408 16.54 -6.93 8.89
C GLU A 408 15.82 -6.56 10.18
N PHE A 409 14.50 -6.68 10.16
CA PHE A 409 13.71 -6.52 11.37
C PHE A 409 13.70 -7.89 12.06
N VAL A 410 14.38 -7.98 13.20
CA VAL A 410 14.56 -9.24 13.93
C VAL A 410 13.82 -9.10 15.27
N PRO A 411 12.59 -9.64 15.34
CA PRO A 411 11.75 -9.50 16.55
C PRO A 411 12.48 -9.83 17.87
N GLU A 412 13.29 -10.88 17.85
CA GLU A 412 13.92 -11.42 19.08
C GLU A 412 15.31 -10.82 19.36
N ARG A 413 15.67 -9.75 18.64
CA ARG A 413 17.06 -9.26 18.69
C ARG A 413 17.56 -8.97 20.11
N PHE A 414 16.69 -8.43 20.96
CA PHE A 414 17.11 -7.95 22.27
C PHE A 414 16.73 -8.90 23.41
N VAL A 415 16.30 -10.11 23.07
CA VAL A 415 15.97 -11.11 24.07
C VAL A 415 17.24 -11.69 24.69
N GLY A 416 17.28 -11.74 26.01
CA GLY A 416 18.38 -12.36 26.75
C GLY A 416 19.50 -11.42 27.10
N GLU A 417 20.44 -11.92 27.92
CA GLU A 417 21.52 -11.11 28.47
C GLU A 417 22.39 -10.47 27.39
N GLU A 418 22.77 -11.25 26.39
CA GLU A 418 23.60 -10.72 25.29
C GLU A 418 22.82 -9.70 24.46
N GLY A 419 21.56 -10.02 24.14
CA GLY A 419 20.71 -9.13 23.36
C GLY A 419 20.53 -7.78 24.05
N GLU A 420 20.30 -7.83 25.36
CA GLU A 420 20.09 -6.61 26.14
C GLU A 420 21.30 -5.68 26.17
N LYS A 421 22.51 -6.23 26.02
CA LYS A 421 23.70 -5.39 25.99
C LYS A 421 23.66 -4.42 24.82
N LEU A 422 23.02 -4.85 23.72
CA LEU A 422 22.96 -4.07 22.50
C LEU A 422 22.07 -2.85 22.63
N LEU A 423 21.33 -2.77 23.73
CA LEU A 423 20.45 -1.61 23.93
C LEU A 423 21.24 -0.31 24.03
N ARG A 424 22.54 -0.39 24.33
CA ARG A 424 23.35 0.83 24.36
C ARG A 424 23.44 1.50 22.99
N HIS A 425 23.11 0.74 21.94
CA HIS A 425 23.17 1.23 20.56
C HIS A 425 21.81 1.57 19.97
N VAL A 426 20.78 1.55 20.81
CA VAL A 426 19.44 1.98 20.40
C VAL A 426 19.30 3.42 20.86
N LEU A 427 19.06 4.33 19.91
CA LEU A 427 19.30 5.77 20.15
C LEU A 427 18.07 6.65 19.97
N TRP A 428 16.88 6.05 19.91
CA TRP A 428 15.68 6.79 19.51
C TRP A 428 15.44 8.05 20.38
N SER A 429 15.83 7.96 21.65
CA SER A 429 15.52 8.98 22.65
C SER A 429 16.54 10.11 22.67
N ASN A 430 17.43 10.16 21.68
CA ASN A 430 18.58 11.07 21.71
C ASN A 430 19.54 10.76 22.88
N GLY A 431 19.76 9.46 23.06
CA GLY A 431 20.78 8.93 23.92
C GLY A 431 20.69 7.42 23.91
N PRO A 432 21.69 6.73 24.49
CA PRO A 432 21.62 5.26 24.56
C PRO A 432 20.40 4.82 25.37
N GLU A 433 19.76 3.72 24.95
CA GLU A 433 18.58 3.24 25.65
C GLU A 433 18.92 2.80 27.09
N THR A 434 20.19 2.48 27.31
CA THR A 434 20.70 2.09 28.62
C THR A 434 20.89 3.27 29.57
N GLU A 435 20.77 4.50 29.05
CA GLU A 435 20.98 5.70 29.86
C GLU A 435 19.66 6.37 30.23
N THR A 436 19.71 7.23 31.26
CA THR A 436 18.54 7.87 31.85
C THR A 436 18.48 9.36 31.45
N PRO A 437 17.31 9.88 31.04
CA PRO A 437 17.26 11.32 30.82
C PRO A 437 17.47 12.07 32.14
N THR A 438 18.14 13.22 32.08
CA THR A 438 18.43 14.00 33.28
C THR A 438 18.28 15.48 32.95
N VAL A 439 18.27 16.31 33.98
CA VAL A 439 18.29 17.75 33.77
C VAL A 439 19.60 18.25 33.13
N GLY A 440 20.65 17.42 33.21
CA GLY A 440 21.94 17.77 32.66
C GLY A 440 22.16 17.38 31.20
N ASN A 441 21.27 16.54 30.67
CA ASN A 441 21.41 16.12 29.26
C ASN A 441 20.18 16.51 28.42
N LYS A 442 20.22 16.20 27.14
CA LYS A 442 19.11 16.52 26.23
C LYS A 442 18.41 15.26 25.72
N GLN A 443 18.54 14.17 26.48
CA GLN A 443 17.81 12.95 26.19
C GLN A 443 16.31 13.15 26.45
N CYS A 444 15.48 12.51 25.64
CA CYS A 444 14.02 12.62 25.76
C CYS A 444 13.52 12.51 27.21
N ALA A 445 12.77 13.52 27.67
CA ALA A 445 12.24 13.50 29.03
C ALA A 445 11.26 12.35 29.25
N GLY A 446 10.65 11.87 28.17
CA GLY A 446 9.64 10.82 28.27
C GLY A 446 10.11 9.43 27.89
N LYS A 447 11.42 9.20 27.95
CA LYS A 447 11.98 7.93 27.47
C LYS A 447 11.23 6.69 28.00
N ASP A 448 11.09 6.59 29.32
CA ASP A 448 10.46 5.41 29.89
C ASP A 448 8.98 5.33 29.58
N PHE A 449 8.33 6.50 29.47
CA PHE A 449 6.92 6.55 29.11
C PHE A 449 6.68 6.01 27.70
N VAL A 450 7.52 6.43 26.75
CA VAL A 450 7.36 6.02 25.37
C VAL A 450 7.50 4.50 25.28
N VAL A 451 8.55 3.96 25.89
CA VAL A 451 8.75 2.51 25.82
C VAL A 451 7.57 1.78 26.50
N LEU A 452 7.08 2.30 27.62
CA LEU A 452 5.90 1.74 28.27
C LEU A 452 4.67 1.73 27.36
N VAL A 453 4.30 2.89 26.81
CA VAL A 453 3.08 2.92 26.02
C VAL A 453 3.19 2.12 24.72
N ALA A 454 4.40 2.06 24.14
CA ALA A 454 4.65 1.21 22.98
C ALA A 454 4.41 -0.27 23.33
N ARG A 455 4.89 -0.68 24.51
CA ARG A 455 4.64 -2.04 24.99
C ARG A 455 3.15 -2.25 25.23
N LEU A 456 2.50 -1.29 25.88
CA LEU A 456 1.05 -1.41 26.11
C LEU A 456 0.27 -1.52 24.81
N PHE A 457 0.72 -0.82 23.78
CA PHE A 457 0.08 -0.88 22.46
C PHE A 457 0.17 -2.29 21.88
N VAL A 458 1.36 -2.88 21.90
CA VAL A 458 1.55 -4.24 21.36
C VAL A 458 0.72 -5.22 22.19
N ILE A 459 0.72 -5.01 23.51
CA ILE A 459 -0.05 -5.87 24.39
C ILE A 459 -1.54 -5.83 24.09
N GLU A 460 -2.07 -4.63 23.88
CA GLU A 460 -3.49 -4.52 23.58
C GLU A 460 -3.88 -5.17 22.24
N ILE A 461 -2.99 -5.05 21.25
CA ILE A 461 -3.23 -5.70 19.96
C ILE A 461 -3.33 -7.21 20.14
N PHE A 462 -2.33 -7.81 20.79
CA PHE A 462 -2.25 -9.27 20.78
C PHE A 462 -3.00 -9.98 21.91
N ARG A 463 -3.49 -9.22 22.88
CA ARG A 463 -4.46 -9.83 23.78
C ARG A 463 -5.82 -9.99 23.06
N ARG A 464 -6.04 -9.17 22.04
CA ARG A 464 -7.32 -9.16 21.30
C ARG A 464 -7.27 -9.99 20.03
N TYR A 465 -6.15 -9.92 19.32
CA TYR A 465 -6.01 -10.53 18.00
C TYR A 465 -4.89 -11.58 17.95
N ASP A 466 -5.12 -12.65 17.19
CA ASP A 466 -4.08 -13.67 16.93
C ASP A 466 -3.08 -13.19 15.90
N SER A 467 -3.56 -12.37 14.96
CA SER A 467 -2.76 -11.90 13.83
C SER A 467 -3.56 -10.87 13.07
N PHE A 468 -2.86 -10.15 12.17
CA PHE A 468 -3.51 -9.13 11.36
C PHE A 468 -2.78 -8.95 10.04
N ASP A 469 -3.47 -8.33 9.08
CA ASP A 469 -2.89 -7.93 7.80
C ASP A 469 -3.07 -6.44 7.63
N ILE A 470 -2.14 -5.81 6.92
CA ILE A 470 -2.15 -4.37 6.74
C ILE A 470 -1.94 -3.97 5.28
N GLU A 471 -2.38 -2.77 4.96
CA GLU A 471 -2.00 -2.09 3.73
C GLU A 471 -1.23 -0.85 4.13
N VAL A 472 -0.24 -0.45 3.33
CA VAL A 472 0.68 0.60 3.77
C VAL A 472 0.89 1.64 2.68
N GLY A 473 0.91 2.90 3.10
CA GLY A 473 1.26 4.01 2.21
C GLY A 473 2.15 5.02 2.89
N THR A 474 2.49 6.07 2.14
CA THR A 474 3.36 7.11 2.67
C THR A 474 2.52 8.16 3.42
N SER A 475 3.16 8.85 4.35
CA SER A 475 2.54 9.94 5.07
C SER A 475 3.62 11.00 5.28
N PRO A 476 3.23 12.30 5.38
CA PRO A 476 4.27 13.30 5.66
C PRO A 476 5.05 13.01 6.94
N LEU A 477 4.32 12.54 7.97
CA LEU A 477 4.90 12.05 9.22
C LEU A 477 4.59 10.57 9.37
N GLY A 478 5.63 9.75 9.49
CA GLY A 478 5.48 8.31 9.69
C GLY A 478 4.93 7.57 8.48
N SER A 479 3.93 6.74 8.72
CA SER A 479 3.37 5.88 7.69
C SER A 479 1.85 5.94 7.71
N SER A 480 1.23 5.67 6.56
CA SER A 480 -0.22 5.50 6.47
C SER A 480 -0.45 3.99 6.55
N VAL A 481 -1.31 3.55 7.47
CA VAL A 481 -1.55 2.12 7.62
C VAL A 481 -3.05 1.82 7.67
N ASN A 482 -3.52 0.85 6.89
CA ASN A 482 -4.89 0.31 7.03
C ASN A 482 -4.80 -1.12 7.51
N PHE A 483 -5.72 -1.55 8.37
CA PHE A 483 -5.87 -2.97 8.62
C PHE A 483 -6.80 -3.55 7.56
N SER A 484 -6.41 -4.68 6.97
CA SER A 484 -7.28 -5.39 6.05
C SER A 484 -7.82 -6.69 6.66
N SER A 485 -7.21 -7.13 7.76
CA SER A 485 -7.80 -8.22 8.55
C SER A 485 -7.36 -8.12 9.99
N LEU A 486 -8.31 -8.42 10.88
CA LEU A 486 -8.06 -8.47 12.31
C LEU A 486 -8.63 -9.79 12.79
N ARG A 487 -7.75 -10.76 13.01
N ARG A 487 -7.75 -10.76 13.04
CA ARG A 487 -8.17 -12.11 13.43
CA ARG A 487 -8.19 -12.10 13.41
C ARG A 487 -8.34 -12.16 14.95
C ARG A 487 -8.34 -12.22 14.93
N LYS A 488 -9.58 -12.13 15.40
CA LYS A 488 -9.87 -12.13 16.83
C LYS A 488 -9.49 -13.43 17.53
N ALA A 489 -9.10 -13.32 18.79
CA ALA A 489 -8.74 -14.49 19.61
C ALA A 489 -9.93 -15.44 19.77
N LEU B 25 -35.76 -28.09 -11.10
CA LEU B 25 -36.96 -28.81 -11.62
C LEU B 25 -38.27 -27.98 -11.60
N PRO B 26 -38.68 -27.45 -10.42
CA PRO B 26 -39.89 -26.59 -10.42
C PRO B 26 -39.68 -25.30 -11.20
N ILE B 27 -40.57 -25.00 -12.14
CA ILE B 27 -40.54 -23.70 -12.84
C ILE B 27 -41.12 -22.62 -11.94
N ARG B 28 -40.33 -21.57 -11.71
CA ARG B 28 -40.72 -20.49 -10.81
C ARG B 28 -40.63 -19.15 -11.51
N ASN B 29 -41.44 -18.20 -11.05
CA ASN B 29 -41.31 -16.82 -11.50
C ASN B 29 -39.96 -16.31 -11.07
N ILE B 30 -39.34 -15.48 -11.91
CA ILE B 30 -38.05 -14.87 -11.55
C ILE B 30 -38.31 -13.79 -10.50
N PRO B 31 -37.69 -13.92 -9.31
CA PRO B 31 -37.90 -12.93 -8.26
C PRO B 31 -37.14 -11.64 -8.54
N GLY B 32 -37.47 -10.60 -7.80
CA GLY B 32 -36.77 -9.34 -7.97
C GLY B 32 -37.63 -8.35 -8.71
N ASN B 33 -37.30 -7.07 -8.59
CA ASN B 33 -38.03 -6.06 -9.33
C ASN B 33 -37.13 -4.89 -9.64
N TYR B 34 -37.52 -4.14 -10.66
CA TYR B 34 -36.70 -3.07 -11.17
C TYR B 34 -37.03 -1.73 -10.54
N GLY B 35 -38.07 -1.72 -9.70
CA GLY B 35 -38.52 -0.50 -9.03
C GLY B 35 -39.14 0.50 -9.99
N LEU B 36 -39.29 1.74 -9.52
CA LEU B 36 -39.85 2.82 -10.33
C LEU B 36 -38.85 3.24 -11.39
N PRO B 37 -39.34 3.75 -12.54
CA PRO B 37 -38.38 4.22 -13.55
C PRO B 37 -37.50 5.33 -12.98
N ILE B 38 -36.25 5.39 -13.45
CA ILE B 38 -35.23 6.35 -12.98
C ILE B 38 -34.81 6.10 -11.53
N VAL B 39 -35.77 6.16 -10.59
CA VAL B 39 -35.49 6.03 -9.15
C VAL B 39 -34.97 4.63 -8.77
N GLY B 40 -35.61 3.58 -9.29
CA GLY B 40 -35.19 2.20 -9.02
C GLY B 40 -33.74 1.92 -9.43
N PRO B 41 -33.40 2.17 -10.70
CA PRO B 41 -32.00 2.07 -11.13
C PRO B 41 -31.00 2.91 -10.30
N ILE B 42 -31.35 4.14 -9.95
CA ILE B 42 -30.43 4.97 -9.15
C ILE B 42 -30.11 4.36 -7.79
N LYS B 43 -31.15 3.87 -7.09
CA LYS B 43 -30.97 3.23 -5.80
C LYS B 43 -30.04 2.01 -5.95
N ASP B 44 -30.28 1.20 -6.98
CA ASP B 44 -29.46 0.01 -7.21
C ASP B 44 -28.01 0.38 -7.54
N ARG B 45 -27.83 1.46 -8.29
CA ARG B 45 -26.48 1.91 -8.64
C ARG B 45 -25.72 2.40 -7.40
N TRP B 46 -26.43 3.05 -6.50
CA TRP B 46 -25.80 3.51 -5.26
C TRP B 46 -25.36 2.33 -4.40
N ASP B 47 -26.21 1.30 -4.31
CA ASP B 47 -25.80 0.06 -3.64
C ASP B 47 -24.57 -0.54 -4.33
N TYR B 48 -24.61 -0.62 -5.66
CA TYR B 48 -23.55 -1.28 -6.41
C TYR B 48 -22.19 -0.61 -6.21
N PHE B 49 -22.15 0.72 -6.30
CA PHE B 49 -20.89 1.44 -6.18
C PHE B 49 -20.50 1.83 -4.77
N TYR B 50 -21.47 2.20 -3.93
CA TYR B 50 -21.16 2.93 -2.69
C TYR B 50 -21.55 2.23 -1.41
N ASP B 51 -22.80 1.81 -1.33
CA ASP B 51 -23.34 1.29 -0.07
C ASP B 51 -23.04 -0.18 0.18
N GLN B 52 -22.73 -0.91 -0.89
CA GLN B 52 -22.46 -2.35 -0.81
C GLN B 52 -21.20 -2.80 -1.55
N GLY B 53 -20.99 -2.27 -2.74
CA GLY B 53 -19.95 -2.83 -3.63
C GLY B 53 -20.49 -4.04 -4.37
N ALA B 54 -19.85 -4.39 -5.49
CA ALA B 54 -20.40 -5.39 -6.40
C ALA B 54 -20.68 -6.76 -5.77
N GLU B 55 -19.69 -7.31 -5.07
CA GLU B 55 -19.86 -8.68 -4.53
C GLU B 55 -21.03 -8.74 -3.56
N GLU B 56 -21.09 -7.77 -2.66
CA GLU B 56 -22.12 -7.72 -1.63
C GLU B 56 -23.48 -7.37 -2.27
N PHE B 57 -23.46 -6.49 -3.28
CA PHE B 57 -24.67 -6.16 -4.07
C PHE B 57 -25.37 -7.46 -4.52
N PHE B 58 -24.61 -8.36 -5.10
CA PHE B 58 -25.15 -9.62 -5.61
C PHE B 58 -25.47 -10.62 -4.52
N LYS B 59 -24.55 -10.79 -3.56
CA LYS B 59 -24.77 -11.76 -2.49
C LYS B 59 -25.99 -11.42 -1.64
N SER B 60 -26.15 -10.13 -1.32
CA SER B 60 -27.26 -9.68 -0.49
C SER B 60 -28.61 -9.95 -1.15
N ARG B 61 -28.65 -9.87 -2.48
CA ARG B 61 -29.90 -10.14 -3.21
C ARG B 61 -30.18 -11.63 -3.39
N ILE B 62 -29.14 -12.46 -3.46
CA ILE B 62 -29.33 -13.91 -3.39
C ILE B 62 -30.04 -14.25 -2.08
N ARG B 63 -29.59 -13.65 -0.99
CA ARG B 63 -30.21 -13.86 0.31
C ARG B 63 -31.63 -13.31 0.36
N LYS B 64 -31.80 -12.07 -0.10
CA LYS B 64 -33.10 -11.41 -0.07
C LYS B 64 -34.16 -12.24 -0.80
N TYR B 65 -33.80 -12.69 -2.01
CA TYR B 65 -34.74 -13.39 -2.89
C TYR B 65 -34.69 -14.91 -2.76
N ASN B 66 -33.79 -15.42 -1.93
N ASN B 66 -33.75 -15.42 -1.97
CA ASN B 66 -33.54 -16.86 -1.81
CA ASN B 66 -33.57 -16.87 -1.81
C ASN B 66 -33.50 -17.47 -3.21
C ASN B 66 -33.36 -17.58 -3.15
N SER B 67 -32.63 -16.90 -4.04
CA SER B 67 -32.47 -17.34 -5.42
C SER B 67 -31.16 -16.86 -5.98
N THR B 68 -30.52 -17.72 -6.78
CA THR B 68 -29.33 -17.31 -7.52
C THR B 68 -29.67 -16.80 -8.92
N VAL B 69 -30.97 -16.73 -9.22
CA VAL B 69 -31.46 -16.09 -10.44
C VAL B 69 -32.49 -15.05 -10.04
N TYR B 70 -32.29 -13.81 -10.47
CA TYR B 70 -33.23 -12.73 -10.10
C TYR B 70 -33.11 -11.53 -11.00
N ARG B 71 -34.14 -10.68 -10.97
CA ARG B 71 -34.15 -9.42 -11.72
C ARG B 71 -33.45 -8.33 -10.93
N VAL B 72 -32.62 -7.56 -11.63
CA VAL B 72 -31.93 -6.45 -10.99
C VAL B 72 -31.56 -5.39 -12.02
N ASN B 73 -31.47 -4.14 -11.60
CA ASN B 73 -30.89 -3.08 -12.44
C ASN B 73 -29.37 -3.09 -12.33
N MET B 74 -28.71 -2.92 -13.47
CA MET B 74 -27.24 -2.81 -13.52
C MET B 74 -26.83 -1.39 -13.92
N PRO B 75 -25.65 -0.94 -13.44
CA PRO B 75 -25.12 0.32 -13.96
C PRO B 75 -24.78 0.13 -15.44
N PRO B 76 -24.64 1.23 -16.19
CA PRO B 76 -24.72 2.62 -15.72
C PRO B 76 -26.09 3.27 -15.72
N GLY B 77 -27.06 2.70 -16.41
CA GLY B 77 -28.36 3.35 -16.55
C GLY B 77 -28.21 4.80 -17.01
N ALA B 78 -28.91 5.70 -16.31
CA ALA B 78 -28.80 7.17 -16.50
C ALA B 78 -28.89 7.52 -17.94
N PHE B 79 -27.97 8.35 -18.42
CA PHE B 79 -28.03 8.71 -19.83
C PHE B 79 -27.09 7.86 -20.69
N ILE B 80 -26.36 6.94 -20.08
CA ILE B 80 -25.37 6.16 -20.85
C ILE B 80 -25.99 4.88 -21.42
N ALA B 81 -26.78 4.18 -20.61
CA ALA B 81 -27.46 2.95 -21.05
C ALA B 81 -28.96 3.19 -21.21
N GLU B 82 -29.54 2.68 -22.29
CA GLU B 82 -30.97 2.82 -22.57
C GLU B 82 -31.81 2.03 -21.57
N ASN B 83 -31.31 0.84 -21.23
CA ASN B 83 -32.08 -0.10 -20.43
C ASN B 83 -31.19 -0.84 -19.44
N PRO B 84 -31.35 -0.53 -18.15
CA PRO B 84 -30.50 -1.17 -17.14
C PRO B 84 -31.01 -2.54 -16.66
N GLN B 85 -32.17 -2.98 -17.17
CA GLN B 85 -32.82 -4.15 -16.60
C GLN B 85 -32.19 -5.45 -17.07
N VAL B 86 -31.78 -6.30 -16.14
CA VAL B 86 -31.22 -7.61 -16.50
C VAL B 86 -31.84 -8.74 -15.68
N VAL B 87 -31.61 -9.97 -16.12
CA VAL B 87 -31.84 -11.16 -15.31
C VAL B 87 -30.44 -11.66 -14.95
N ALA B 88 -30.13 -11.66 -13.65
CA ALA B 88 -28.81 -12.08 -13.15
C ALA B 88 -28.75 -13.59 -12.93
N LEU B 89 -27.66 -14.19 -13.39
CA LEU B 89 -27.40 -15.64 -13.27
C LEU B 89 -26.16 -15.81 -12.39
N LEU B 90 -26.35 -16.30 -11.17
CA LEU B 90 -25.33 -16.22 -10.13
C LEU B 90 -24.98 -17.57 -9.52
N ASP B 91 -25.05 -18.59 -10.37
CA ASP B 91 -24.60 -19.93 -9.97
C ASP B 91 -24.00 -20.62 -11.20
N GLY B 92 -23.25 -21.69 -10.99
CA GLY B 92 -22.53 -22.37 -12.07
C GLY B 92 -23.38 -23.25 -12.96
N LYS B 93 -24.65 -23.45 -12.60
CA LYS B 93 -25.57 -24.21 -13.45
C LYS B 93 -26.28 -23.32 -14.48
N SER B 94 -26.71 -22.15 -14.05
CA SER B 94 -27.45 -21.23 -14.92
C SER B 94 -26.50 -20.41 -15.79
N PHE B 95 -25.36 -20.01 -15.22
CA PHE B 95 -24.40 -19.14 -15.90
C PHE B 95 -24.01 -19.57 -17.33
N PRO B 96 -23.73 -20.87 -17.54
CA PRO B 96 -23.29 -21.28 -18.89
C PRO B 96 -24.24 -21.02 -20.07
N VAL B 97 -25.50 -20.65 -19.80
N VAL B 97 -25.49 -20.64 -19.79
CA VAL B 97 -26.36 -20.21 -20.89
CA VAL B 97 -26.38 -20.19 -20.85
C VAL B 97 -25.72 -19.05 -21.65
C VAL B 97 -25.68 -19.09 -21.65
N LEU B 98 -24.87 -18.29 -20.96
CA LEU B 98 -24.19 -17.12 -21.54
C LEU B 98 -23.18 -17.47 -22.63
N PHE B 99 -22.84 -18.76 -22.73
CA PHE B 99 -21.91 -19.24 -23.78
C PHE B 99 -22.60 -19.74 -25.03
N ASP B 100 -23.89 -19.99 -24.94
CA ASP B 100 -24.60 -20.71 -25.98
C ASP B 100 -25.17 -19.78 -27.06
N VAL B 101 -24.52 -19.77 -28.24
CA VAL B 101 -24.89 -18.89 -29.35
C VAL B 101 -26.30 -19.14 -29.86
N ASP B 102 -26.86 -20.31 -29.57
CA ASP B 102 -28.25 -20.59 -29.95
C ASP B 102 -29.21 -19.80 -29.07
N LYS B 103 -28.75 -19.51 -27.86
CA LYS B 103 -29.61 -18.94 -26.82
C LYS B 103 -29.41 -17.45 -26.64
N VAL B 104 -28.16 -16.99 -26.74
CA VAL B 104 -27.87 -15.56 -26.56
C VAL B 104 -27.20 -14.93 -27.78
N GLU B 105 -27.64 -13.73 -28.10
CA GLU B 105 -26.94 -12.86 -29.05
C GLU B 105 -25.83 -12.16 -28.27
N LYS B 106 -24.69 -11.98 -28.93
CA LYS B 106 -23.52 -11.37 -28.29
C LYS B 106 -23.08 -10.15 -29.11
N LYS B 107 -24.02 -9.25 -29.37
CA LYS B 107 -23.75 -8.08 -30.21
C LYS B 107 -23.76 -6.80 -29.39
N ASP B 108 -22.65 -6.07 -29.45
CA ASP B 108 -22.50 -4.75 -28.82
C ASP B 108 -22.70 -4.75 -27.31
N LEU B 109 -22.34 -5.86 -26.65
CA LEU B 109 -22.55 -5.97 -25.20
C LEU B 109 -21.32 -6.46 -24.44
N PHE B 110 -20.16 -6.33 -25.06
CA PHE B 110 -18.88 -6.63 -24.43
C PHE B 110 -18.75 -5.89 -23.09
N THR B 111 -19.27 -4.65 -23.04
CA THR B 111 -19.21 -3.87 -21.79
C THR B 111 -20.55 -3.80 -21.07
N GLY B 112 -21.54 -4.55 -21.52
CA GLY B 112 -22.84 -4.61 -20.84
C GLY B 112 -23.96 -3.90 -21.57
N THR B 113 -24.73 -3.10 -20.81
CA THR B 113 -25.96 -2.48 -21.31
C THR B 113 -25.72 -1.15 -22.05
N TYR B 114 -24.46 -0.80 -22.23
CA TYR B 114 -24.06 0.33 -23.06
C TYR B 114 -22.89 -0.15 -23.91
N MET B 115 -22.62 0.57 -25.00
CA MET B 115 -21.40 0.34 -25.77
C MET B 115 -20.61 1.64 -25.89
N PRO B 116 -19.29 1.62 -25.62
CA PRO B 116 -18.51 2.85 -25.80
C PRO B 116 -18.58 3.32 -27.24
N SER B 117 -18.49 4.62 -27.45
CA SER B 117 -18.53 5.18 -28.80
C SER B 117 -17.51 4.55 -29.72
N THR B 118 -17.90 4.28 -30.96
CA THR B 118 -16.92 3.80 -31.95
C THR B 118 -15.87 4.86 -32.26
N GLU B 119 -16.11 6.09 -31.83
CA GLU B 119 -15.07 7.13 -31.96
C GLU B 119 -13.84 6.82 -31.10
N LEU B 120 -13.99 5.93 -30.13
CA LEU B 120 -12.87 5.47 -29.32
C LEU B 120 -12.04 4.39 -30.03
N THR B 121 -12.57 3.86 -31.13
CA THR B 121 -11.97 2.71 -31.80
C THR B 121 -11.95 2.94 -33.30
N GLY B 122 -11.57 4.15 -33.69
CA GLY B 122 -11.35 4.48 -35.10
C GLY B 122 -12.58 4.47 -35.99
N GLY B 123 -13.76 4.51 -35.38
CA GLY B 123 -15.04 4.47 -36.11
C GLY B 123 -15.52 3.05 -36.41
N TYR B 124 -14.74 2.08 -35.93
CA TYR B 124 -15.05 0.65 -36.12
C TYR B 124 -15.76 0.02 -34.93
N ARG B 125 -16.64 -0.93 -35.23
CA ARG B 125 -17.10 -1.87 -34.22
C ARG B 125 -16.08 -3.00 -34.21
N ILE B 126 -15.32 -3.06 -33.12
CA ILE B 126 -14.19 -3.98 -32.96
C ILE B 126 -14.68 -5.40 -32.69
N LEU B 127 -13.83 -6.38 -32.96
CA LEU B 127 -14.17 -7.80 -32.84
C LEU B 127 -14.94 -8.16 -31.57
N SER B 128 -14.50 -7.65 -30.42
CA SER B 128 -15.13 -8.00 -29.14
C SER B 128 -16.64 -7.70 -29.11
N TYR B 129 -17.09 -6.75 -29.93
CA TYR B 129 -18.51 -6.34 -29.97
C TYR B 129 -19.34 -7.08 -31.01
N LEU B 130 -18.69 -7.94 -31.80
CA LEU B 130 -19.35 -8.57 -32.95
C LEU B 130 -19.98 -9.89 -32.58
N ASP B 131 -21.22 -10.09 -32.99
CA ASP B 131 -21.86 -11.41 -32.84
C ASP B 131 -21.25 -12.37 -33.87
N PRO B 132 -21.16 -13.68 -33.55
CA PRO B 132 -20.59 -14.62 -34.55
C PRO B 132 -21.34 -14.71 -35.89
N SER B 133 -22.61 -14.29 -35.90
CA SER B 133 -23.38 -14.22 -37.13
C SER B 133 -22.85 -13.18 -38.13
N GLU B 134 -22.02 -12.25 -37.64
CA GLU B 134 -21.41 -11.22 -38.50
C GLU B 134 -20.16 -11.75 -39.18
N PRO B 135 -20.09 -11.68 -40.52
CA PRO B 135 -18.90 -12.18 -41.23
C PRO B 135 -17.55 -11.62 -40.76
N LYS B 136 -17.52 -10.38 -40.30
CA LYS B 136 -16.28 -9.77 -39.82
C LYS B 136 -15.78 -10.45 -38.56
N HIS B 137 -16.69 -11.05 -37.79
CA HIS B 137 -16.30 -11.77 -36.58
C HIS B 137 -15.35 -12.90 -36.95
N GLU B 138 -15.69 -13.66 -37.98
CA GLU B 138 -14.81 -14.75 -38.46
C GLU B 138 -13.46 -14.23 -38.97
N LYS B 139 -13.49 -13.21 -39.83
CA LYS B 139 -12.24 -12.66 -40.40
C LYS B 139 -11.31 -12.17 -39.30
N LEU B 140 -11.86 -11.39 -38.37
CA LEU B 140 -11.03 -10.76 -37.34
C LEU B 140 -10.55 -11.76 -36.30
N LYS B 141 -11.38 -12.74 -35.97
CA LYS B 141 -10.95 -13.74 -34.99
C LYS B 141 -9.86 -14.61 -35.62
N ASN B 142 -10.01 -14.92 -36.91
CA ASN B 142 -8.94 -15.63 -37.62
C ASN B 142 -7.63 -14.84 -37.65
N LEU B 143 -7.72 -13.51 -37.82
CA LEU B 143 -6.52 -12.66 -37.76
C LEU B 143 -5.80 -12.83 -36.42
N LEU B 144 -6.57 -12.82 -35.33
CA LEU B 144 -5.94 -12.95 -34.01
C LEU B 144 -5.41 -14.36 -33.78
N PHE B 145 -6.12 -15.39 -34.26
CA PHE B 145 -5.58 -16.75 -34.18
C PHE B 145 -4.22 -16.84 -34.91
N PHE B 146 -4.12 -16.16 -36.06
CA PHE B 146 -2.85 -16.12 -36.79
C PHE B 146 -1.77 -15.41 -35.97
N LEU B 147 -2.12 -14.27 -35.39
CA LEU B 147 -1.20 -13.53 -34.53
C LEU B 147 -0.64 -14.45 -33.44
N LEU B 148 -1.53 -15.20 -32.80
CA LEU B 148 -1.13 -16.03 -31.68
C LEU B 148 -0.27 -17.19 -32.14
N LYS B 149 -0.68 -17.84 -33.23
CA LYS B 149 0.10 -18.96 -33.80
C LYS B 149 1.48 -18.48 -34.25
N SER B 150 1.54 -17.27 -34.83
N SER B 150 1.54 -17.31 -34.90
CA SER B 150 2.78 -16.68 -35.32
CA SER B 150 2.81 -16.82 -35.46
C SER B 150 3.73 -16.24 -34.21
C SER B 150 3.80 -16.36 -34.39
N SER B 151 3.20 -16.05 -33.01
N SER B 151 3.30 -16.13 -33.19
CA SER B 151 4.02 -15.63 -31.87
CA SER B 151 4.13 -15.66 -32.07
C SER B 151 4.64 -16.80 -31.14
C SER B 151 4.71 -16.81 -31.24
N ARG B 152 4.25 -18.02 -31.51
CA ARG B 152 4.54 -19.21 -30.68
C ARG B 152 6.00 -19.37 -30.28
N ASN B 153 6.90 -19.09 -31.21
CA ASN B 153 8.31 -19.32 -30.96
C ASN B 153 9.01 -18.19 -30.22
N ARG B 154 8.32 -17.05 -30.09
CA ARG B 154 8.86 -15.89 -29.35
C ARG B 154 8.39 -15.84 -27.90
N ILE B 155 7.31 -16.55 -27.56
CA ILE B 155 6.71 -16.39 -26.23
C ILE B 155 7.68 -16.71 -25.09
N PHE B 156 8.29 -17.90 -25.13
CA PHE B 156 9.18 -18.33 -24.04
C PHE B 156 10.37 -17.36 -23.88
N PRO B 157 11.16 -17.12 -24.95
CA PRO B 157 12.31 -16.21 -24.74
C PRO B 157 11.94 -14.79 -24.38
N GLU B 158 10.86 -14.26 -24.95
CA GLU B 158 10.49 -12.87 -24.66
C GLU B 158 9.91 -12.73 -23.24
N PHE B 159 9.15 -13.73 -22.81
CA PHE B 159 8.67 -13.75 -21.43
C PHE B 159 9.83 -13.81 -20.45
N GLN B 160 10.77 -14.72 -20.69
N GLN B 160 10.76 -14.74 -20.72
CA GLN B 160 11.91 -14.87 -19.78
CA GLN B 160 11.96 -14.90 -19.88
C GLN B 160 12.77 -13.60 -19.73
C GLN B 160 12.68 -13.57 -19.73
N ALA B 161 12.99 -12.95 -20.88
CA ALA B 161 13.81 -11.75 -20.92
C ALA B 161 13.16 -10.60 -20.17
N THR B 162 11.91 -10.32 -20.50
CA THR B 162 11.22 -9.18 -19.89
C THR B 162 10.89 -9.41 -18.41
N TYR B 163 10.40 -10.60 -18.06
CA TYR B 163 10.06 -10.83 -16.65
C TYR B 163 11.28 -11.00 -15.75
N SER B 164 12.38 -11.54 -16.30
CA SER B 164 13.59 -11.61 -15.48
C SER B 164 14.10 -10.20 -15.17
N GLU B 165 14.00 -9.28 -16.14
CA GLU B 165 14.35 -7.87 -15.91
C GLU B 165 13.45 -7.23 -14.86
N LEU B 166 12.17 -7.56 -14.89
CA LEU B 166 11.24 -7.05 -13.90
C LEU B 166 11.67 -7.47 -12.50
N PHE B 167 11.89 -8.77 -12.31
CA PHE B 167 12.26 -9.25 -10.97
C PHE B 167 13.61 -8.72 -10.48
N ASP B 168 14.57 -8.60 -11.38
CA ASP B 168 15.86 -7.98 -11.05
C ASP B 168 15.62 -6.57 -10.48
N SER B 169 14.78 -5.79 -11.17
N SER B 169 14.76 -5.81 -11.15
CA SER B 169 14.42 -4.45 -10.73
CA SER B 169 14.43 -4.45 -10.74
C SER B 169 13.74 -4.47 -9.37
C SER B 169 13.63 -4.38 -9.43
N LEU B 170 12.75 -5.36 -9.21
CA LEU B 170 11.99 -5.42 -7.96
C LEU B 170 12.87 -5.76 -6.77
N GLU B 171 13.85 -6.63 -6.99
CA GLU B 171 14.80 -6.95 -5.94
C GLU B 171 15.53 -5.71 -5.46
N LYS B 172 15.94 -4.86 -6.41
CA LYS B 172 16.70 -3.66 -6.06
C LYS B 172 15.78 -2.69 -5.29
N GLU B 173 14.56 -2.54 -5.77
CA GLU B 173 13.59 -1.66 -5.12
C GLU B 173 13.30 -2.12 -3.69
N LEU B 174 13.16 -3.43 -3.50
CA LEU B 174 12.90 -4.01 -2.17
C LEU B 174 14.03 -3.63 -1.20
N SER B 175 15.26 -3.77 -1.67
CA SER B 175 16.43 -3.48 -0.85
C SER B 175 16.52 -2.01 -0.44
N LEU B 176 16.02 -1.13 -1.31
CA LEU B 176 16.03 0.32 -1.03
C LEU B 176 14.88 0.76 -0.13
N LYS B 177 13.67 0.32 -0.45
CA LYS B 177 12.45 0.90 0.10
C LYS B 177 11.78 0.04 1.16
N GLY B 178 12.16 -1.24 1.20
CA GLY B 178 11.56 -2.19 2.13
C GLY B 178 10.31 -2.86 1.57
N LYS B 179 9.88 -2.39 0.40
CA LYS B 179 8.83 -3.06 -0.37
C LYS B 179 9.04 -2.77 -1.85
N ALA B 180 8.49 -3.62 -2.72
CA ALA B 180 8.66 -3.43 -4.15
C ALA B 180 7.29 -3.47 -4.81
N ASP B 181 6.98 -2.42 -5.57
CA ASP B 181 5.65 -2.28 -6.17
C ASP B 181 5.53 -3.12 -7.43
N PHE B 182 5.00 -4.33 -7.28
CA PHE B 182 4.80 -5.19 -8.43
C PHE B 182 3.84 -4.58 -9.45
N GLY B 183 2.69 -4.07 -8.97
CA GLY B 183 1.69 -3.49 -9.86
C GLY B 183 2.26 -2.35 -10.69
N GLY B 184 3.08 -1.52 -10.05
CA GLY B 184 3.63 -0.31 -10.67
C GLY B 184 4.71 -0.47 -11.71
N SER B 185 5.42 -1.61 -11.69
CA SER B 185 6.44 -1.90 -12.69
C SER B 185 5.95 -2.95 -13.68
N SER B 186 5.06 -3.83 -13.23
CA SER B 186 4.67 -4.97 -14.06
C SER B 186 3.81 -4.60 -15.26
N ASP B 187 3.17 -3.43 -15.20
CA ASP B 187 2.38 -2.91 -16.34
C ASP B 187 3.26 -2.64 -17.57
N GLY B 188 4.39 -1.97 -17.36
CA GLY B 188 5.37 -1.78 -18.44
C GLY B 188 5.91 -3.10 -18.95
N THR B 189 6.26 -4.01 -18.03
CA THR B 189 6.80 -5.31 -18.41
C THR B 189 5.81 -6.07 -19.28
N ALA B 190 4.54 -6.07 -18.89
CA ALA B 190 3.53 -6.76 -19.68
C ALA B 190 3.44 -6.21 -21.10
N PHE B 191 3.36 -4.88 -21.23
CA PHE B 191 3.30 -4.30 -22.55
C PHE B 191 4.53 -4.61 -23.41
N ASN B 192 5.70 -4.46 -22.80
CA ASN B 192 6.95 -4.77 -23.49
C ASN B 192 6.98 -6.22 -23.95
N PHE B 193 6.58 -7.13 -23.06
CA PHE B 193 6.52 -8.53 -23.41
C PHE B 193 5.58 -8.77 -24.61
N LEU B 194 4.36 -8.21 -24.57
CA LEU B 194 3.41 -8.41 -25.66
C LEU B 194 3.94 -7.85 -26.99
N ALA B 195 4.52 -6.65 -26.94
CA ALA B 195 5.04 -6.05 -28.18
C ALA B 195 6.17 -6.90 -28.76
N ARG B 196 7.02 -7.41 -27.88
CA ARG B 196 8.14 -8.26 -28.32
C ARG B 196 7.69 -9.63 -28.80
N ALA B 197 6.75 -10.25 -28.10
CA ALA B 197 6.26 -11.58 -28.50
C ALA B 197 5.36 -11.53 -29.72
N PHE B 198 4.41 -10.60 -29.74
CA PHE B 198 3.47 -10.50 -30.85
C PHE B 198 4.07 -9.91 -32.12
N TYR B 199 4.90 -8.87 -31.97
CA TYR B 199 5.35 -8.05 -33.12
C TYR B 199 6.85 -7.96 -33.30
N GLY B 200 7.61 -8.64 -32.44
CA GLY B 200 9.07 -8.59 -32.49
C GLY B 200 9.60 -7.17 -32.34
N THR B 201 8.88 -6.35 -31.59
CA THR B 201 9.20 -4.94 -31.45
C THR B 201 9.36 -4.56 -29.99
N ASN B 202 10.48 -3.95 -29.66
CA ASN B 202 10.69 -3.42 -28.33
C ASN B 202 10.18 -1.98 -28.30
N PRO B 203 9.13 -1.68 -27.51
CA PRO B 203 8.60 -0.30 -27.48
C PRO B 203 9.66 0.77 -27.15
N ALA B 204 10.67 0.37 -26.39
CA ALA B 204 11.78 1.28 -26.04
C ALA B 204 12.55 1.78 -27.28
N ASP B 205 12.53 1.01 -28.35
CA ASP B 205 13.15 1.40 -29.62
C ASP B 205 12.25 2.25 -30.52
N THR B 206 11.08 2.63 -30.03
CA THR B 206 10.10 3.39 -30.82
C THR B 206 9.70 4.68 -30.14
N LYS B 207 8.88 5.48 -30.84
CA LYS B 207 8.34 6.72 -30.29
C LYS B 207 7.46 6.50 -29.05
N LEU B 208 6.96 5.28 -28.86
CA LEU B 208 6.18 4.96 -27.67
C LEU B 208 6.99 4.98 -26.39
N LYS B 209 8.29 4.69 -26.50
CA LYS B 209 9.17 4.62 -25.34
C LYS B 209 8.55 3.75 -24.24
N ALA B 210 8.39 4.31 -23.04
CA ALA B 210 7.77 3.59 -21.92
C ALA B 210 6.38 4.15 -21.61
N ASP B 211 5.77 4.84 -22.58
CA ASP B 211 4.51 5.56 -22.34
C ASP B 211 3.25 4.71 -22.45
N ALA B 212 3.36 3.50 -22.99
CA ALA B 212 2.15 2.72 -23.31
C ALA B 212 1.17 2.53 -22.14
N PRO B 213 1.66 2.10 -20.97
CA PRO B 213 0.70 1.90 -19.87
C PRO B 213 -0.16 3.13 -19.56
N GLY B 214 0.42 4.33 -19.52
CA GLY B 214 -0.36 5.54 -19.22
C GLY B 214 -1.37 5.84 -20.31
N LEU B 215 -0.96 5.64 -21.57
CA LEU B 215 -1.84 5.88 -22.71
C LEU B 215 -3.01 4.91 -22.72
N ILE B 216 -2.71 3.63 -22.54
CA ILE B 216 -3.74 2.60 -22.53
C ILE B 216 -4.71 2.82 -21.36
N THR B 217 -4.15 3.12 -20.19
CA THR B 217 -4.99 3.33 -19.01
C THR B 217 -6.01 4.45 -19.23
N LYS B 218 -5.56 5.58 -19.78
CA LYS B 218 -6.47 6.69 -20.05
C LYS B 218 -7.55 6.27 -21.04
N TRP B 219 -7.14 5.60 -22.10
CA TRP B 219 -8.09 5.19 -23.12
C TRP B 219 -9.09 4.17 -22.56
N VAL B 220 -8.62 3.17 -21.82
CA VAL B 220 -9.53 2.21 -21.19
C VAL B 220 -10.52 2.91 -20.25
N LEU B 221 -10.04 3.88 -19.48
N LEU B 221 -10.06 3.90 -19.49
CA LEU B 221 -10.92 4.67 -18.61
CA LEU B 221 -10.96 4.62 -18.60
C LEU B 221 -12.04 5.31 -19.41
C LEU B 221 -12.03 5.43 -19.35
N PHE B 222 -11.71 5.90 -20.55
CA PHE B 222 -12.72 6.55 -21.38
C PHE B 222 -13.78 5.57 -21.87
N ASN B 223 -13.39 4.30 -21.97
CA ASN B 223 -14.31 3.24 -22.33
C ASN B 223 -15.16 2.77 -21.17
N LEU B 224 -14.54 2.62 -19.99
CA LEU B 224 -15.13 1.86 -18.88
C LEU B 224 -15.61 2.69 -17.70
N HIS B 225 -15.38 4.00 -17.73
CA HIS B 225 -15.76 4.85 -16.59
C HIS B 225 -17.20 4.65 -16.05
N PRO B 226 -18.20 4.35 -16.91
CA PRO B 226 -19.56 4.20 -16.38
C PRO B 226 -19.71 3.03 -15.40
N LEU B 227 -18.74 2.13 -15.41
CA LEU B 227 -18.80 0.90 -14.62
C LEU B 227 -17.85 0.90 -13.43
N LEU B 228 -17.17 2.03 -13.21
CA LEU B 228 -16.06 2.07 -12.25
C LEU B 228 -16.25 3.15 -11.23
N SER B 229 -15.77 2.90 -10.01
CA SER B 229 -15.59 3.96 -9.04
C SER B 229 -14.11 4.08 -8.69
N ILE B 230 -13.63 5.31 -8.52
CA ILE B 230 -12.30 5.57 -7.98
C ILE B 230 -12.44 5.94 -6.49
N GLY B 231 -11.48 6.69 -5.97
CA GLY B 231 -11.52 7.11 -4.57
C GLY B 231 -12.46 8.26 -4.31
N LEU B 232 -13.06 8.81 -5.37
CA LEU B 232 -13.80 10.07 -5.29
C LEU B 232 -15.20 9.93 -4.66
N PRO B 233 -15.70 11.00 -4.01
CA PRO B 233 -17.03 11.00 -3.38
C PRO B 233 -18.17 10.91 -4.39
N ARG B 234 -19.29 10.33 -3.95
CA ARG B 234 -20.51 10.16 -4.73
C ARG B 234 -20.91 11.43 -5.48
N VAL B 235 -20.87 12.57 -4.78
CA VAL B 235 -21.34 13.82 -5.37
C VAL B 235 -20.46 14.34 -6.52
N ILE B 236 -19.20 13.90 -6.57
CA ILE B 236 -18.33 14.18 -7.71
C ILE B 236 -18.47 13.09 -8.78
N GLU B 237 -18.31 11.83 -8.37
CA GLU B 237 -18.32 10.73 -9.34
C GLU B 237 -19.61 10.61 -10.11
N GLU B 238 -20.74 10.76 -9.42
CA GLU B 238 -22.02 10.49 -10.05
C GLU B 238 -22.24 11.37 -11.28
N PRO B 239 -22.16 12.72 -11.13
CA PRO B 239 -22.30 13.56 -12.33
C PRO B 239 -21.13 13.49 -13.33
N LEU B 240 -19.92 13.23 -12.85
CA LEU B 240 -18.72 13.30 -13.72
C LEU B 240 -18.45 12.04 -14.54
N ILE B 241 -18.68 10.86 -13.96
CA ILE B 241 -18.39 9.63 -14.68
C ILE B 241 -19.53 8.60 -14.72
N HIS B 242 -20.63 8.83 -14.01
CA HIS B 242 -21.69 7.81 -14.01
C HIS B 242 -22.97 8.22 -14.73
N THR B 243 -23.02 9.43 -15.27
CA THR B 243 -24.28 9.95 -15.81
C THR B 243 -24.23 10.13 -17.33
N PHE B 244 -23.11 10.65 -17.81
CA PHE B 244 -22.86 10.84 -19.25
C PHE B 244 -21.49 10.28 -19.65
N SER B 245 -21.35 9.99 -20.94
CA SER B 245 -20.08 9.54 -21.50
C SER B 245 -19.04 10.66 -21.56
N LEU B 246 -17.80 10.35 -21.17
CA LEU B 246 -16.70 11.32 -21.37
C LEU B 246 -16.44 11.47 -22.88
N PRO B 247 -16.18 12.71 -23.35
CA PRO B 247 -16.02 12.89 -24.80
C PRO B 247 -14.79 12.18 -25.39
N PRO B 248 -14.99 11.28 -26.37
CA PRO B 248 -13.85 10.60 -26.96
C PRO B 248 -12.75 11.50 -27.52
N ALA B 249 -13.08 12.72 -27.95
CA ALA B 249 -12.05 13.61 -28.47
C ALA B 249 -10.90 13.87 -27.51
N LEU B 250 -11.16 13.82 -26.20
CA LEU B 250 -10.14 14.12 -25.19
C LEU B 250 -9.05 13.04 -25.04
N VAL B 251 -9.26 11.88 -25.66
CA VAL B 251 -8.26 10.81 -25.63
C VAL B 251 -7.75 10.47 -27.04
N LYS B 252 -8.19 11.23 -28.04
CA LYS B 252 -7.89 10.91 -29.44
C LYS B 252 -6.40 10.94 -29.75
N SER B 253 -5.70 11.95 -29.23
CA SER B 253 -4.25 12.06 -29.50
C SER B 253 -3.46 10.96 -28.82
N ASP B 254 -3.88 10.54 -27.63
CA ASP B 254 -3.24 9.44 -26.94
C ASP B 254 -3.44 8.14 -27.71
N TYR B 255 -4.67 7.89 -28.14
CA TYR B 255 -5.00 6.74 -28.96
C TYR B 255 -4.17 6.74 -30.24
N GLN B 256 -4.00 7.92 -30.84
CA GLN B 256 -3.22 8.06 -32.07
C GLN B 256 -1.78 7.54 -31.90
N ARG B 257 -1.19 7.80 -30.74
CA ARG B 257 0.17 7.34 -30.46
C ARG B 257 0.21 5.81 -30.48
N LEU B 258 -0.79 5.18 -29.85
CA LEU B 258 -0.88 3.72 -29.84
C LEU B 258 -1.12 3.21 -31.25
N TYR B 259 -2.05 3.84 -31.95
CA TYR B 259 -2.32 3.44 -33.33
C TYR B 259 -1.08 3.42 -34.22
N GLU B 260 -0.29 4.50 -34.18
N GLU B 260 -0.31 4.51 -34.20
CA GLU B 260 0.91 4.58 -35.03
CA GLU B 260 0.93 4.62 -34.97
C GLU B 260 1.95 3.53 -34.65
C GLU B 260 1.84 3.44 -34.66
N PHE B 261 2.03 3.18 -33.36
CA PHE B 261 2.89 2.09 -32.94
C PHE B 261 2.44 0.76 -33.55
N PHE B 262 1.15 0.45 -33.44
CA PHE B 262 0.68 -0.83 -33.98
C PHE B 262 0.77 -0.92 -35.50
N LEU B 263 0.43 0.15 -36.20
CA LEU B 263 0.54 0.19 -37.64
C LEU B 263 1.99 -0.07 -38.08
N GLU B 264 2.93 0.57 -37.40
CA GLU B 264 4.34 0.50 -37.79
C GLU B 264 5.01 -0.82 -37.38
N SER B 265 4.47 -1.47 -36.36
CA SER B 265 5.10 -2.67 -35.78
C SER B 265 4.51 -3.99 -36.25
N ALA B 266 3.30 -3.94 -36.79
CA ALA B 266 2.53 -5.16 -37.06
C ALA B 266 2.69 -5.68 -38.48
N GLY B 267 3.81 -5.37 -39.13
CA GLY B 267 4.03 -5.71 -40.54
C GLY B 267 3.63 -7.11 -40.97
N GLU B 268 4.18 -8.13 -40.32
CA GLU B 268 3.90 -9.52 -40.70
C GLU B 268 2.40 -9.88 -40.59
N ILE B 269 1.77 -9.44 -39.50
N ILE B 269 1.77 -9.41 -39.51
CA ILE B 269 0.36 -9.74 -39.29
CA ILE B 269 0.36 -9.68 -39.26
C ILE B 269 -0.55 -8.94 -40.24
C ILE B 269 -0.51 -8.96 -40.27
N LEU B 270 -0.09 -7.76 -40.67
CA LEU B 270 -0.85 -6.96 -41.64
C LEU B 270 -0.88 -7.60 -43.03
N VAL B 271 0.13 -8.41 -43.34
CA VAL B 271 0.13 -9.18 -44.58
C VAL B 271 -0.98 -10.24 -44.53
N GLU B 272 -1.19 -10.84 -43.36
CA GLU B 272 -2.30 -11.76 -43.19
C GLU B 272 -3.64 -11.02 -43.31
N ALA B 273 -3.71 -9.82 -42.73
CA ALA B 273 -4.90 -8.98 -42.91
C ALA B 273 -5.23 -8.76 -44.39
N ASP B 274 -4.20 -8.43 -45.19
CA ASP B 274 -4.34 -8.26 -46.64
C ASP B 274 -5.02 -9.50 -47.24
N LYS B 275 -4.49 -10.68 -46.88
CA LYS B 275 -4.98 -11.93 -47.45
C LYS B 275 -6.42 -12.24 -47.05
N LEU B 276 -6.79 -11.85 -45.82
CA LEU B 276 -8.13 -12.08 -45.29
C LEU B 276 -9.17 -11.10 -45.84
N GLY B 277 -8.71 -10.12 -46.60
CA GLY B 277 -9.60 -9.11 -47.16
C GLY B 277 -9.98 -7.97 -46.21
N ILE B 278 -9.14 -7.76 -45.20
CA ILE B 278 -9.31 -6.69 -44.19
C ILE B 278 -8.39 -5.52 -44.57
N SER B 279 -8.86 -4.28 -44.40
CA SER B 279 -7.96 -3.13 -44.58
C SER B 279 -6.93 -3.12 -43.47
N ARG B 280 -5.75 -2.58 -43.74
CA ARG B 280 -4.75 -2.43 -42.67
C ARG B 280 -5.23 -1.53 -41.55
N GLU B 281 -6.03 -0.51 -41.88
CA GLU B 281 -6.64 0.33 -40.85
C GLU B 281 -7.53 -0.48 -39.91
N GLU B 282 -8.49 -1.22 -40.45
CA GLU B 282 -9.38 -2.00 -39.59
C GLU B 282 -8.57 -3.04 -38.79
N ALA B 283 -7.63 -3.71 -39.46
CA ALA B 283 -6.78 -4.69 -38.77
C ALA B 283 -6.03 -4.04 -37.62
N THR B 284 -5.46 -2.86 -37.86
CA THR B 284 -4.68 -2.15 -36.82
C THR B 284 -5.52 -1.76 -35.60
N HIS B 285 -6.69 -1.19 -35.82
CA HIS B 285 -7.58 -0.91 -34.67
C HIS B 285 -7.88 -2.19 -33.88
N ASN B 286 -8.06 -3.30 -34.60
CA ASN B 286 -8.35 -4.57 -33.95
C ASN B 286 -7.15 -5.18 -33.21
N LEU B 287 -5.95 -5.03 -33.78
CA LEU B 287 -4.73 -5.48 -33.10
C LEU B 287 -4.47 -4.64 -31.87
N LEU B 288 -4.64 -3.32 -32.00
CA LEU B 288 -4.52 -2.42 -30.85
C LEU B 288 -5.47 -2.85 -29.74
N PHE B 289 -6.74 -3.06 -30.08
CA PHE B 289 -7.74 -3.42 -29.06
C PHE B 289 -7.40 -4.76 -28.42
N ALA B 290 -7.08 -5.75 -29.25
CA ALA B 290 -6.77 -7.08 -28.71
C ALA B 290 -5.55 -7.07 -27.81
N THR B 291 -4.54 -6.27 -28.17
CA THR B 291 -3.29 -6.25 -27.43
C THR B 291 -3.42 -5.41 -26.17
N CYS B 292 -4.08 -4.25 -26.28
CA CYS B 292 -4.10 -3.27 -25.19
C CYS B 292 -5.26 -3.49 -24.24
N PHE B 293 -6.44 -3.75 -24.80
CA PHE B 293 -7.65 -3.89 -24.02
C PHE B 293 -7.82 -5.33 -23.54
N ASN B 294 -8.00 -6.28 -24.47
CA ASN B 294 -8.18 -7.68 -24.08
C ASN B 294 -6.97 -8.23 -23.32
N THR B 295 -5.79 -8.17 -23.93
CA THR B 295 -4.63 -8.88 -23.38
C THR B 295 -4.00 -8.10 -22.23
N TRP B 296 -3.50 -6.91 -22.50
CA TRP B 296 -2.80 -6.15 -21.48
C TRP B 296 -3.73 -5.80 -20.31
N GLY B 297 -4.95 -5.39 -20.61
CA GLY B 297 -5.92 -5.12 -19.55
C GLY B 297 -6.20 -6.35 -18.69
N GLY B 298 -6.37 -7.52 -19.32
CA GLY B 298 -6.60 -8.75 -18.57
C GLY B 298 -5.38 -9.10 -17.71
N MET B 299 -4.18 -8.96 -18.27
CA MET B 299 -2.96 -9.27 -17.52
C MET B 299 -2.75 -8.29 -16.36
N LYS B 300 -3.16 -7.03 -16.55
N LYS B 300 -3.16 -7.02 -16.57
CA LYS B 300 -3.05 -6.01 -15.51
CA LYS B 300 -3.09 -6.00 -15.54
C LYS B 300 -3.88 -6.36 -14.27
C LYS B 300 -3.86 -6.41 -14.28
N ILE B 301 -4.98 -7.09 -14.47
CA ILE B 301 -5.79 -7.57 -13.34
C ILE B 301 -5.19 -8.89 -12.83
N LEU B 302 -4.94 -9.82 -13.75
CA LEU B 302 -4.61 -11.19 -13.37
C LEU B 302 -3.29 -11.31 -12.61
N PHE B 303 -2.21 -10.75 -13.15
CA PHE B 303 -0.89 -11.04 -12.55
C PHE B 303 -0.76 -10.51 -11.11
N PRO B 304 -1.16 -9.24 -10.86
CA PRO B 304 -1.14 -8.81 -9.46
C PRO B 304 -2.05 -9.65 -8.56
N ASN B 305 -3.22 -10.08 -9.04
CA ASN B 305 -4.09 -10.94 -8.24
C ASN B 305 -3.39 -12.29 -7.94
N MET B 306 -2.64 -12.80 -8.92
CA MET B 306 -1.89 -14.06 -8.71
C MET B 306 -0.83 -13.87 -7.64
N VAL B 307 -0.13 -12.75 -7.67
CA VAL B 307 0.90 -12.45 -6.68
C VAL B 307 0.25 -12.40 -5.30
N LYS B 308 -0.86 -11.69 -5.21
CA LYS B 308 -1.58 -11.57 -3.93
C LYS B 308 -2.03 -12.93 -3.39
N ARG B 309 -2.71 -13.71 -4.21
CA ARG B 309 -3.31 -14.97 -3.73
C ARG B 309 -2.29 -16.07 -3.50
N ILE B 310 -1.32 -16.18 -4.40
CA ILE B 310 -0.25 -17.15 -4.19
C ILE B 310 0.59 -16.72 -2.98
N GLY B 311 0.83 -15.43 -2.84
CA GLY B 311 1.51 -14.89 -1.67
C GLY B 311 0.84 -15.35 -0.38
N ARG B 312 -0.49 -15.14 -0.31
CA ARG B 312 -1.26 -15.48 0.88
C ARG B 312 -1.38 -16.99 1.14
N ALA B 313 -1.07 -17.81 0.13
CA ALA B 313 -1.09 -19.27 0.28
C ALA B 313 0.02 -19.81 1.20
N GLY B 314 1.05 -18.98 1.44
CA GLY B 314 2.06 -19.31 2.44
C GLY B 314 3.30 -19.99 1.92
N HIS B 315 4.34 -19.98 2.75
CA HIS B 315 5.67 -20.44 2.35
C HIS B 315 5.76 -21.93 2.07
N GLN B 316 4.93 -22.74 2.72
CA GLN B 316 4.94 -24.19 2.45
C GLN B 316 4.52 -24.47 1.02
N VAL B 317 3.45 -23.81 0.57
CA VAL B 317 3.00 -23.90 -0.81
C VAL B 317 4.09 -23.40 -1.76
N HIS B 318 4.69 -22.25 -1.42
CA HIS B 318 5.78 -21.71 -2.24
C HIS B 318 6.91 -22.72 -2.40
N ASN B 319 7.30 -23.36 -1.29
CA ASN B 319 8.37 -24.34 -1.35
C ASN B 319 8.00 -25.54 -2.22
N ARG B 320 6.75 -26.00 -2.12
CA ARG B 320 6.29 -27.11 -2.95
C ARG B 320 6.31 -26.74 -4.44
N LEU B 321 5.89 -25.52 -4.76
CA LEU B 321 5.92 -25.07 -6.16
C LEU B 321 7.36 -24.99 -6.67
N ALA B 322 8.23 -24.37 -5.88
CA ALA B 322 9.64 -24.25 -6.26
C ALA B 322 10.27 -25.64 -6.50
N GLU B 323 9.98 -26.59 -5.61
CA GLU B 323 10.55 -27.93 -5.75
C GLU B 323 10.06 -28.62 -7.03
N GLU B 324 8.76 -28.53 -7.28
CA GLU B 324 8.17 -29.13 -8.48
C GLU B 324 8.78 -28.54 -9.75
N ILE B 325 8.74 -27.22 -9.84
CA ILE B 325 9.18 -26.51 -11.04
C ILE B 325 10.65 -26.78 -11.36
N ARG B 326 11.51 -26.59 -10.35
CA ARG B 326 12.94 -26.78 -10.53
C ARG B 326 13.30 -28.23 -10.85
N SER B 327 12.66 -29.17 -10.16
N SER B 327 12.64 -29.18 -10.18
CA SER B 327 12.92 -30.60 -10.39
CA SER B 327 12.96 -30.60 -10.40
C SER B 327 12.55 -30.99 -11.82
C SER B 327 12.48 -31.12 -11.76
N VAL B 328 11.35 -30.60 -12.24
CA VAL B 328 10.84 -30.94 -13.58
C VAL B 328 11.77 -30.39 -14.68
N ILE B 329 12.21 -29.14 -14.52
CA ILE B 329 13.12 -28.54 -15.49
C ILE B 329 14.46 -29.28 -15.50
N LYS B 330 14.97 -29.61 -14.31
CA LYS B 330 16.22 -30.35 -14.22
C LYS B 330 16.12 -31.69 -14.95
N SER B 331 15.02 -32.42 -14.70
CA SER B 331 14.81 -33.74 -15.30
C SER B 331 14.59 -33.66 -16.79
N ASN B 332 14.22 -32.47 -17.27
CA ASN B 332 13.97 -32.20 -18.68
C ASN B 332 15.23 -31.71 -19.42
N GLY B 333 16.39 -31.99 -18.86
CA GLY B 333 17.64 -31.61 -19.50
C GLY B 333 18.00 -30.14 -19.32
N GLY B 334 17.33 -29.47 -18.39
CA GLY B 334 17.67 -28.10 -18.01
C GLY B 334 16.91 -26.98 -18.72
N GLU B 335 16.06 -27.35 -19.68
CA GLU B 335 15.32 -26.35 -20.45
C GLU B 335 13.81 -26.50 -20.29
N LEU B 336 13.10 -25.38 -20.38
CA LEU B 336 11.66 -25.36 -20.25
C LEU B 336 10.96 -25.58 -21.59
N THR B 337 10.13 -26.61 -21.64
CA THR B 337 9.33 -26.92 -22.82
C THR B 337 7.86 -27.04 -22.41
N MET B 338 6.98 -27.02 -23.41
CA MET B 338 5.55 -27.22 -23.17
C MET B 338 5.29 -28.54 -22.46
N GLY B 339 6.00 -29.59 -22.88
CA GLY B 339 5.89 -30.89 -22.23
C GLY B 339 6.24 -30.86 -20.77
N ALA B 340 7.30 -30.12 -20.41
CA ALA B 340 7.72 -30.00 -19.02
C ALA B 340 6.62 -29.33 -18.22
N ILE B 341 6.05 -28.25 -18.76
CA ILE B 341 4.96 -27.56 -18.06
C ILE B 341 3.82 -28.51 -17.74
N GLU B 342 3.50 -29.42 -18.66
CA GLU B 342 2.41 -30.37 -18.40
C GLU B 342 2.67 -31.33 -17.24
N LYS B 343 3.94 -31.51 -16.87
CA LYS B 343 4.28 -32.36 -15.71
C LYS B 343 4.23 -31.61 -14.39
N MET B 344 4.05 -30.29 -14.47
CA MET B 344 4.05 -29.47 -13.26
C MET B 344 2.64 -29.38 -12.72
N GLU B 345 2.22 -30.46 -12.06
CA GLU B 345 0.82 -30.60 -11.63
C GLU B 345 0.35 -29.53 -10.67
N LEU B 346 1.14 -29.23 -9.65
CA LEU B 346 0.70 -28.19 -8.69
C LEU B 346 0.69 -26.80 -9.34
N THR B 347 1.69 -26.54 -10.19
CA THR B 347 1.75 -25.27 -10.93
C THR B 347 0.51 -25.08 -11.81
N LYS B 348 0.14 -26.11 -12.57
CA LYS B 348 -1.06 -25.98 -13.41
C LYS B 348 -2.28 -25.74 -12.54
N SER B 349 -2.35 -26.48 -11.44
CA SER B 349 -3.50 -26.38 -10.52
C SER B 349 -3.61 -24.99 -9.91
N VAL B 350 -2.50 -24.44 -9.44
N VAL B 350 -2.50 -24.43 -9.46
CA VAL B 350 -2.54 -23.12 -8.79
CA VAL B 350 -2.58 -23.13 -8.78
C VAL B 350 -3.03 -22.05 -9.77
C VAL B 350 -2.93 -21.98 -9.75
N VAL B 351 -2.56 -22.13 -11.02
CA VAL B 351 -2.97 -21.16 -12.06
C VAL B 351 -4.49 -21.27 -12.30
N TYR B 352 -4.99 -22.49 -12.43
CA TYR B 352 -6.42 -22.68 -12.58
C TYR B 352 -7.17 -22.17 -11.36
N GLU B 353 -6.57 -22.35 -10.19
CA GLU B 353 -7.22 -21.90 -8.94
C GLU B 353 -7.28 -20.38 -8.81
N CYS B 354 -6.29 -19.68 -9.34
CA CYS B 354 -6.33 -18.22 -9.39
C CYS B 354 -7.49 -17.77 -10.29
N LEU B 355 -7.62 -18.45 -11.42
CA LEU B 355 -8.64 -18.09 -12.42
C LEU B 355 -10.04 -18.42 -11.89
N ARG B 356 -10.17 -19.51 -11.13
CA ARG B 356 -11.48 -19.87 -10.53
C ARG B 356 -11.83 -18.94 -9.39
N PHE B 357 -10.86 -18.75 -8.49
CA PHE B 357 -11.14 -18.03 -7.24
C PHE B 357 -11.48 -16.58 -7.51
N GLU B 358 -10.75 -15.97 -8.44
CA GLU B 358 -10.93 -14.56 -8.76
C GLU B 358 -10.84 -14.35 -10.27
N PRO B 359 -11.92 -14.67 -11.00
CA PRO B 359 -11.94 -14.46 -12.44
C PRO B 359 -11.55 -12.99 -12.72
N PRO B 360 -10.56 -12.75 -13.58
CA PRO B 360 -10.12 -11.34 -13.81
C PRO B 360 -11.18 -10.44 -14.42
N VAL B 361 -11.98 -10.99 -15.32
CA VAL B 361 -13.04 -10.21 -15.98
C VAL B 361 -14.36 -10.83 -15.55
N THR B 362 -15.13 -10.05 -14.79
CA THR B 362 -16.19 -10.63 -13.98
C THR B 362 -17.59 -10.56 -14.55
N ALA B 363 -17.80 -9.67 -15.51
CA ALA B 363 -19.15 -9.40 -16.00
C ALA B 363 -19.34 -9.89 -17.44
N GLN B 364 -20.22 -10.87 -17.62
CA GLN B 364 -20.59 -11.37 -18.94
C GLN B 364 -22.07 -11.18 -19.16
N TYR B 365 -22.42 -10.73 -20.37
CA TYR B 365 -23.82 -10.44 -20.74
C TYR B 365 -24.18 -11.19 -22.00
N GLY B 366 -25.47 -11.43 -22.19
CA GLY B 366 -25.98 -12.04 -23.43
C GLY B 366 -27.46 -11.75 -23.55
N ARG B 367 -27.91 -11.44 -24.75
CA ARG B 367 -29.33 -11.10 -24.94
C ARG B 367 -30.10 -12.28 -25.48
N ALA B 368 -31.15 -12.68 -24.76
CA ALA B 368 -31.88 -13.88 -25.16
C ALA B 368 -32.43 -13.75 -26.60
N LYS B 369 -32.13 -14.75 -27.41
CA LYS B 369 -32.51 -14.79 -28.83
C LYS B 369 -33.90 -15.32 -29.04
N LYS B 370 -34.36 -16.07 -28.05
CA LYS B 370 -35.62 -16.78 -28.11
C LYS B 370 -36.04 -17.00 -26.68
N ASP B 371 -37.27 -17.46 -26.47
CA ASP B 371 -37.70 -17.83 -25.14
C ASP B 371 -36.85 -18.99 -24.64
N LEU B 372 -36.44 -18.91 -23.37
CA LEU B 372 -35.56 -19.90 -22.76
C LEU B 372 -36.16 -20.38 -21.45
N VAL B 373 -35.83 -21.62 -21.10
CA VAL B 373 -36.00 -22.12 -19.74
C VAL B 373 -34.60 -22.34 -19.19
N ILE B 374 -34.24 -21.55 -18.19
CA ILE B 374 -32.90 -21.57 -17.62
C ILE B 374 -32.95 -22.32 -16.29
N GLU B 375 -32.16 -23.37 -16.20
CA GLU B 375 -32.10 -24.16 -14.99
C GLU B 375 -31.05 -23.65 -14.03
N SER B 376 -31.47 -23.49 -12.78
CA SER B 376 -30.55 -23.24 -11.69
C SER B 376 -30.42 -24.54 -10.87
N HIS B 377 -29.87 -24.48 -9.66
CA HIS B 377 -29.70 -25.71 -8.86
C HIS B 377 -31.01 -26.24 -8.30
N ASP B 378 -31.93 -25.34 -7.94
CA ASP B 378 -33.16 -25.77 -7.26
C ASP B 378 -34.46 -25.45 -8.01
N ALA B 379 -34.35 -24.67 -9.08
CA ALA B 379 -35.53 -24.24 -9.84
C ALA B 379 -35.17 -23.90 -11.28
N ALA B 380 -36.19 -23.80 -12.13
CA ALA B 380 -36.02 -23.35 -13.52
C ALA B 380 -36.83 -22.09 -13.76
N PHE B 381 -36.40 -21.27 -14.71
CA PHE B 381 -36.94 -19.94 -14.89
C PHE B 381 -37.16 -19.63 -16.36
N LYS B 382 -38.32 -19.07 -16.67
CA LYS B 382 -38.65 -18.69 -18.04
C LYS B 382 -38.15 -17.28 -18.34
N VAL B 383 -37.36 -17.18 -19.40
CA VAL B 383 -36.84 -15.92 -19.90
C VAL B 383 -37.41 -15.69 -21.30
N LYS B 384 -37.79 -14.46 -21.57
CA LYS B 384 -38.38 -14.12 -22.86
C LYS B 384 -37.33 -13.58 -23.83
N ALA B 385 -37.53 -13.84 -25.11
CA ALA B 385 -36.66 -13.29 -26.15
C ALA B 385 -36.51 -11.79 -25.96
N GLY B 386 -35.27 -11.33 -26.03
CA GLY B 386 -34.96 -9.91 -25.90
C GLY B 386 -34.49 -9.49 -24.52
N GLU B 387 -34.74 -10.33 -23.51
CA GLU B 387 -34.27 -9.99 -22.15
C GLU B 387 -32.74 -10.07 -22.11
N MET B 388 -32.14 -9.16 -21.36
CA MET B 388 -30.69 -9.14 -21.19
C MET B 388 -30.32 -10.03 -20.01
N LEU B 389 -29.50 -11.04 -20.27
CA LEU B 389 -28.97 -11.92 -19.24
C LEU B 389 -27.61 -11.41 -18.82
N TYR B 390 -27.32 -11.57 -17.53
CA TYR B 390 -26.07 -11.08 -16.96
C TYR B 390 -25.56 -12.11 -15.96
N GLY B 391 -24.24 -12.35 -15.99
CA GLY B 391 -23.61 -13.21 -15.00
C GLY B 391 -22.44 -12.49 -14.34
N TYR B 392 -22.39 -12.59 -13.01
CA TYR B 392 -21.25 -12.11 -12.23
C TYR B 392 -20.44 -13.36 -11.96
N GLN B 393 -19.38 -13.52 -12.74
CA GLN B 393 -18.68 -14.80 -12.81
C GLN B 393 -18.19 -15.36 -11.47
N PRO B 394 -17.63 -14.50 -10.58
CA PRO B 394 -17.14 -15.08 -9.30
C PRO B 394 -18.17 -15.91 -8.54
N LEU B 395 -19.47 -15.60 -8.67
CA LEU B 395 -20.47 -16.39 -7.95
C LEU B 395 -20.75 -17.74 -8.62
N ALA B 396 -20.46 -17.80 -9.92
CA ALA B 396 -20.54 -19.06 -10.65
C ALA B 396 -19.34 -19.95 -10.37
N THR B 397 -18.17 -19.35 -10.22
CA THR B 397 -16.94 -20.13 -10.04
C THR B 397 -16.62 -20.41 -8.56
N ARG B 398 -17.25 -19.64 -7.66
CA ARG B 398 -17.18 -19.92 -6.21
C ARG B 398 -18.49 -20.53 -5.73
N ASP B 399 -19.17 -21.23 -6.63
CA ASP B 399 -20.46 -21.86 -6.33
C ASP B 399 -20.27 -23.05 -5.39
N PRO B 400 -20.81 -22.96 -4.15
CA PRO B 400 -20.62 -24.03 -3.16
C PRO B 400 -21.36 -25.32 -3.49
N LYS B 401 -22.26 -25.26 -4.48
CA LYS B 401 -22.96 -26.47 -4.92
C LYS B 401 -22.17 -27.21 -6.01
N ILE B 402 -21.05 -26.61 -6.42
CA ILE B 402 -20.15 -27.21 -7.41
C ILE B 402 -18.80 -27.53 -6.78
N PHE B 403 -18.28 -26.59 -5.98
CA PHE B 403 -16.94 -26.74 -5.38
C PHE B 403 -17.00 -26.87 -3.86
N ASP B 404 -16.35 -27.90 -3.32
CA ASP B 404 -16.17 -27.96 -1.87
C ASP B 404 -15.25 -26.82 -1.46
N ARG B 405 -15.45 -26.27 -0.27
CA ARG B 405 -14.58 -25.17 0.24
C ARG B 405 -14.46 -24.07 -0.83
N ALA B 406 -15.61 -23.68 -1.38
CA ALA B 406 -15.63 -22.83 -2.58
C ALA B 406 -15.02 -21.45 -2.36
N ASP B 407 -15.08 -20.95 -1.12
CA ASP B 407 -14.57 -19.62 -0.80
C ASP B 407 -13.14 -19.64 -0.29
N GLU B 408 -12.47 -20.78 -0.46
CA GLU B 408 -11.09 -20.93 -0.05
C GLU B 408 -10.22 -21.10 -1.28
N PHE B 409 -9.03 -20.53 -1.23
CA PHE B 409 -8.01 -20.71 -2.26
C PHE B 409 -7.26 -22.00 -1.92
N VAL B 410 -7.46 -23.02 -2.76
CA VAL B 410 -6.91 -24.36 -2.50
C VAL B 410 -5.97 -24.67 -3.65
N PRO B 411 -4.66 -24.50 -3.43
CA PRO B 411 -3.72 -24.61 -4.55
C PRO B 411 -3.83 -25.91 -5.34
N GLU B 412 -4.10 -27.02 -4.64
CA GLU B 412 -4.10 -28.35 -5.24
C GLU B 412 -5.45 -28.78 -5.80
N ARG B 413 -6.40 -27.85 -5.88
CA ARG B 413 -7.78 -28.17 -6.24
C ARG B 413 -7.93 -28.96 -7.54
N PHE B 414 -7.08 -28.67 -8.52
CA PHE B 414 -7.26 -29.26 -9.85
C PHE B 414 -6.24 -30.34 -10.18
N VAL B 415 -5.54 -30.82 -9.16
CA VAL B 415 -4.55 -31.89 -9.34
C VAL B 415 -5.24 -33.25 -9.48
N GLY B 416 -4.79 -34.04 -10.46
CA GLY B 416 -5.24 -35.42 -10.61
C GLY B 416 -6.51 -35.51 -11.44
N GLU B 417 -6.92 -36.75 -11.74
CA GLU B 417 -8.02 -37.00 -12.65
C GLU B 417 -9.36 -36.44 -12.17
N GLU B 418 -9.60 -36.54 -10.86
CA GLU B 418 -10.83 -36.02 -10.26
C GLU B 418 -10.83 -34.49 -10.23
N GLY B 419 -9.71 -33.90 -9.83
CA GLY B 419 -9.55 -32.44 -9.87
C GLY B 419 -9.71 -31.87 -11.26
N GLU B 420 -9.15 -32.56 -12.25
CA GLU B 420 -9.22 -32.10 -13.64
C GLU B 420 -10.64 -32.09 -14.22
N LYS B 421 -11.50 -32.96 -13.68
CA LYS B 421 -12.89 -32.99 -14.11
C LYS B 421 -13.60 -31.70 -13.78
N LEU B 422 -13.14 -31.01 -12.74
CA LEU B 422 -13.76 -29.76 -12.31
C LEU B 422 -13.44 -28.59 -13.23
N LEU B 423 -12.51 -28.79 -14.17
CA LEU B 423 -12.12 -27.70 -15.10
C LEU B 423 -13.26 -27.18 -15.97
N ARG B 424 -14.30 -28.00 -16.20
CA ARG B 424 -15.42 -27.51 -17.01
C ARG B 424 -16.14 -26.37 -16.30
N HIS B 425 -15.89 -26.23 -15.00
CA HIS B 425 -16.53 -25.17 -14.19
C HIS B 425 -15.65 -23.93 -13.99
N VAL B 426 -14.47 -23.90 -14.63
CA VAL B 426 -13.62 -22.72 -14.63
C VAL B 426 -13.97 -21.94 -15.89
N LEU B 427 -14.42 -20.69 -15.73
CA LEU B 427 -15.11 -19.96 -16.77
C LEU B 427 -14.46 -18.66 -17.21
N TRP B 428 -13.20 -18.45 -16.82
CA TRP B 428 -12.56 -17.13 -16.97
C TRP B 428 -12.61 -16.65 -18.42
N SER B 429 -12.54 -17.59 -19.36
CA SER B 429 -12.40 -17.28 -20.79
C SER B 429 -13.73 -17.01 -21.51
N ASN B 430 -14.82 -16.87 -20.75
CA ASN B 430 -16.16 -16.86 -21.34
C ASN B 430 -16.51 -18.17 -22.05
N GLY B 431 -16.10 -19.26 -21.42
CA GLY B 431 -16.52 -20.60 -21.79
C GLY B 431 -15.89 -21.55 -20.79
N PRO B 432 -16.29 -22.81 -20.82
CA PRO B 432 -15.66 -23.80 -19.93
C PRO B 432 -14.20 -23.95 -20.30
N GLU B 433 -13.35 -24.18 -19.31
CA GLU B 433 -11.91 -24.30 -19.56
C GLU B 433 -11.59 -25.51 -20.45
N THR B 434 -12.54 -26.43 -20.51
CA THR B 434 -12.41 -27.66 -21.30
C THR B 434 -12.72 -27.44 -22.79
N GLU B 435 -13.23 -26.26 -23.12
CA GLU B 435 -13.62 -25.95 -24.50
C GLU B 435 -12.62 -25.02 -25.16
N THR B 436 -12.68 -24.91 -26.47
CA THR B 436 -11.70 -24.13 -27.21
C THR B 436 -12.40 -23.01 -28.00
N PRO B 437 -11.78 -21.81 -28.03
CA PRO B 437 -12.38 -20.72 -28.80
C PRO B 437 -12.37 -21.03 -30.28
N THR B 438 -13.42 -20.58 -30.97
CA THR B 438 -13.55 -20.79 -32.41
C THR B 438 -14.14 -19.56 -33.05
N VAL B 439 -14.14 -19.50 -34.38
CA VAL B 439 -14.82 -18.43 -35.08
C VAL B 439 -16.34 -18.43 -34.84
N GLY B 440 -16.86 -19.55 -34.36
CA GLY B 440 -18.30 -19.72 -34.15
C GLY B 440 -18.79 -19.42 -32.75
N ASN B 441 -17.87 -19.17 -31.82
CA ASN B 441 -18.29 -18.80 -30.48
C ASN B 441 -17.67 -17.49 -30.04
N LYS B 442 -18.02 -17.07 -28.83
CA LYS B 442 -17.49 -15.81 -28.26
C LYS B 442 -16.50 -16.07 -27.11
N GLN B 443 -15.94 -17.27 -27.08
CA GLN B 443 -14.91 -17.58 -26.09
C GLN B 443 -13.63 -16.79 -26.40
N CYS B 444 -12.91 -16.36 -25.35
CA CYS B 444 -11.67 -15.59 -25.51
C CYS B 444 -10.75 -16.18 -26.57
N ALA B 445 -10.37 -15.35 -27.55
CA ALA B 445 -9.47 -15.81 -28.64
C ALA B 445 -8.13 -16.26 -28.12
N GLY B 446 -7.73 -15.68 -26.98
CA GLY B 446 -6.41 -15.92 -26.42
C GLY B 446 -6.37 -16.92 -25.28
N LYS B 447 -7.40 -17.77 -25.21
CA LYS B 447 -7.52 -18.70 -24.09
C LYS B 447 -6.24 -19.47 -23.73
N ASP B 448 -5.66 -20.14 -24.73
CA ASP B 448 -4.46 -20.95 -24.48
C ASP B 448 -3.26 -20.08 -24.11
N PHE B 449 -3.16 -18.91 -24.73
CA PHE B 449 -2.08 -17.97 -24.47
C PHE B 449 -2.10 -17.51 -23.01
N VAL B 450 -3.28 -17.17 -22.51
CA VAL B 450 -3.38 -16.65 -21.14
C VAL B 450 -2.92 -17.71 -20.15
N VAL B 451 -3.42 -18.92 -20.32
CA VAL B 451 -3.07 -20.01 -19.39
C VAL B 451 -1.57 -20.28 -19.47
N LEU B 452 -1.00 -20.24 -20.68
CA LEU B 452 0.43 -20.43 -20.84
C LEU B 452 1.22 -19.33 -20.13
N VAL B 453 0.88 -18.07 -20.36
CA VAL B 453 1.69 -17.02 -19.75
C VAL B 453 1.52 -16.94 -18.23
N ALA B 454 0.33 -17.27 -17.73
CA ALA B 454 0.13 -17.35 -16.27
C ALA B 454 1.05 -18.44 -15.68
N ARG B 455 1.16 -19.57 -16.37
CA ARG B 455 2.06 -20.65 -15.96
C ARG B 455 3.51 -20.18 -16.03
N LEU B 456 3.88 -19.51 -17.13
CA LEU B 456 5.24 -19.00 -17.23
C LEU B 456 5.60 -18.01 -16.12
N PHE B 457 4.61 -17.23 -15.72
CA PHE B 457 4.76 -16.28 -14.63
C PHE B 457 5.07 -16.99 -13.34
N VAL B 458 4.29 -18.02 -13.00
CA VAL B 458 4.53 -18.79 -11.76
C VAL B 458 5.90 -19.46 -11.83
N ILE B 459 6.23 -20.01 -13.00
CA ILE B 459 7.53 -20.65 -13.22
C ILE B 459 8.69 -19.66 -13.02
N GLU B 460 8.59 -18.47 -13.59
CA GLU B 460 9.65 -17.46 -13.42
C GLU B 460 9.83 -17.08 -11.96
N ILE B 461 8.72 -16.92 -11.24
CA ILE B 461 8.79 -16.60 -9.81
C ILE B 461 9.54 -17.68 -9.05
N PHE B 462 9.13 -18.94 -9.23
CA PHE B 462 9.67 -20.01 -8.39
C PHE B 462 10.97 -20.65 -8.84
N ARG B 463 11.40 -20.36 -10.08
CA ARG B 463 12.78 -20.65 -10.46
C ARG B 463 13.76 -19.74 -9.71
N ARG B 464 13.29 -18.55 -9.35
CA ARG B 464 14.09 -17.50 -8.71
C ARG B 464 14.00 -17.48 -7.19
N TYR B 465 12.80 -17.68 -6.66
CA TYR B 465 12.52 -17.50 -5.22
C TYR B 465 12.00 -18.79 -4.59
N ASP B 466 12.42 -19.05 -3.37
CA ASP B 466 11.86 -20.15 -2.60
C ASP B 466 10.49 -19.76 -2.05
N SER B 467 10.33 -18.46 -1.77
CA SER B 467 9.10 -17.95 -1.15
C SER B 467 9.11 -16.44 -1.21
N PHE B 468 7.95 -15.84 -0.95
CA PHE B 468 7.84 -14.39 -0.90
C PHE B 468 6.69 -13.98 0.02
N ASP B 469 6.69 -12.70 0.40
CA ASP B 469 5.60 -12.11 1.17
C ASP B 469 5.06 -10.92 0.40
N ILE B 470 3.76 -10.70 0.54
CA ILE B 470 3.08 -9.62 -0.16
C ILE B 470 2.45 -8.64 0.82
N GLU B 471 2.28 -7.40 0.38
CA GLU B 471 1.61 -6.37 1.14
C GLU B 471 0.95 -5.43 0.14
N VAL B 472 -0.33 -5.15 0.30
CA VAL B 472 -1.00 -4.14 -0.50
C VAL B 472 -0.50 -2.75 -0.14
N GLY B 473 -0.17 -1.97 -1.17
CA GLY B 473 0.26 -0.59 -1.00
C GLY B 473 -0.90 0.35 -1.33
N THR B 474 -0.98 1.48 -0.64
CA THR B 474 -2.03 2.45 -0.88
C THR B 474 -1.44 3.77 -1.35
N SER B 475 -2.26 4.51 -2.09
CA SER B 475 -1.93 5.87 -2.53
C SER B 475 -3.24 6.57 -2.87
N PRO B 476 -3.22 7.91 -3.00
CA PRO B 476 -4.42 8.60 -3.51
C PRO B 476 -4.87 8.03 -4.85
N LEU B 477 -3.91 7.79 -5.74
CA LEU B 477 -4.18 7.31 -7.10
C LEU B 477 -4.51 5.81 -7.18
N GLY B 478 -4.62 5.14 -6.03
CA GLY B 478 -5.05 3.74 -5.99
C GLY B 478 -4.10 2.79 -5.29
N SER B 479 -4.58 1.57 -5.04
CA SER B 479 -3.79 0.56 -4.33
C SER B 479 -3.01 -0.33 -5.31
N SER B 480 -1.96 -0.98 -4.81
CA SER B 480 -1.10 -1.82 -5.65
C SER B 480 -0.53 -2.96 -4.81
N VAL B 481 -0.34 -4.12 -5.43
CA VAL B 481 0.28 -5.25 -4.74
C VAL B 481 1.79 -5.07 -4.72
N ASN B 482 2.38 -5.14 -3.52
CA ASN B 482 3.83 -5.04 -3.36
C ASN B 482 4.38 -6.36 -2.83
N PHE B 483 5.67 -6.62 -3.09
CA PHE B 483 6.40 -7.64 -2.35
C PHE B 483 7.02 -6.97 -1.11
N SER B 484 6.89 -7.61 0.05
CA SER B 484 7.58 -7.13 1.24
C SER B 484 8.77 -8.03 1.58
N SER B 485 8.85 -9.18 0.91
CA SER B 485 9.99 -10.09 1.03
C SER B 485 10.14 -10.92 -0.23
N LEU B 486 11.38 -11.16 -0.64
CA LEU B 486 11.68 -12.00 -1.79
C LEU B 486 12.86 -12.90 -1.46
N ARG B 487 12.59 -14.16 -1.11
CA ARG B 487 13.63 -15.06 -0.62
C ARG B 487 14.27 -15.82 -1.77
N LYS B 488 15.44 -15.35 -2.17
CA LYS B 488 16.14 -15.90 -3.33
C LYS B 488 16.66 -17.31 -3.09
N ALA B 489 16.54 -18.15 -4.11
CA ALA B 489 17.06 -19.52 -4.09
C ALA B 489 18.55 -19.54 -3.75
#